data_6HEZ
#
_entry.id   6HEZ
#
_cell.length_a   78.540
_cell.length_b   85.000
_cell.length_c   80.500
_cell.angle_alpha   90.00
_cell.angle_beta   103.37
_cell.angle_gamma   90.00
#
_symmetry.space_group_name_H-M   'P 1 21 1'
#
loop_
_entity.id
_entity.type
_entity.pdbx_description
1 polymer 'Decaprenylphosphoryl-beta-D-ribose oxidase'
2 non-polymer 8-(hydroxyamino)-2-[(2S)-2-methyl-1,4-dioxa-8-azaspiro[4.5]dec-8-yl]-6-(trifluoromethyl)-4H-1,3-benzothiazin-4-one
3 non-polymer 'FLAVIN-ADENINE DINUCLEOTIDE'
4 non-polymer IMIDAZOLE
5 water water
#
_entity_poly.entity_id   1
_entity_poly.type   'polypeptide(L)'
_entity_poly.pdbx_seq_one_letter_code
;MGSSHHHHHHSSGLVPRGSHMLSVGATTTATRLTGWGRTAPSVANVLRTPDAEMIVKAVARVAESGGGRGAIARGLGRSY
GDNAQNGGGLVIDMTPLNTIHSIDADTKLVDIDAGVNLDQLMKAALPFGLWVPVLPGTRQVTVGGAIACDIHGKNHHSAG
SFGNHVRSMDLLTADGEIRHLTPTGEDAELFWATVGGNGLTGIIMRATIEMTPTSTAYFIADGDVTASLDETIALHSDGS
EARYTYSSAWFDAISAPPKLGRAAVSRGRLATVEQLPAKLRSEPLKFDAPQLLTLPDVFPNGLANKYTFGPIGELWYRKS
GTYRGKVQNLTQFYHPLDMFGEWNRAYGPAGFLQYQFVIPTEAVDEFKKIIGVIQASGHYSFLNVFKLFGPRNQAPLSFP
IPGWNICVDFPIKDGLGKFVSELDRRVLEFGGRLYTAKDSRTTAETFHAMYPRVDEWISVRRKVDPLRVFASDMARRLEL
L
;
_entity_poly.pdbx_strand_id   A,B
#
loop_
_chem_comp.id
_chem_comp.type
_chem_comp.name
_chem_comp.formula
0SK non-polymer 8-(hydroxyamino)-2-[(2S)-2-methyl-1,4-dioxa-8-azaspiro[4.5]dec-8-yl]-6-(trifluoromethyl)-4H-1,3-benzothiazin-4-one 'C17 H18 F3 N3 O4 S'
FAD non-polymer 'FLAVIN-ADENINE DINUCLEOTIDE' 'C27 H33 N9 O15 P2'
IMD non-polymer IMIDAZOLE 'C3 H5 N2 1'
#
# COMPACT_ATOMS: atom_id res chain seq x y z
N THR A 27 32.18 -5.23 -9.99
CA THR A 27 30.68 -5.18 -9.92
C THR A 27 30.03 -6.58 -9.86
N THR A 28 30.61 -7.56 -10.53
CA THR A 28 30.06 -8.93 -10.53
C THR A 28 30.81 -9.87 -9.57
N THR A 29 30.07 -10.71 -8.85
CA THR A 29 30.65 -11.66 -7.88
C THR A 29 30.48 -13.11 -8.33
N ALA A 30 31.61 -13.85 -8.38
CA ALA A 30 31.59 -15.28 -8.66
C ALA A 30 30.84 -16.03 -7.54
N THR A 31 29.63 -16.49 -7.85
CA THR A 31 28.72 -17.07 -6.86
C THR A 31 28.31 -18.52 -7.22
N ARG A 32 28.16 -19.36 -6.20
CA ARG A 32 27.69 -20.74 -6.34
C ARG A 32 26.15 -20.81 -6.27
N LEU A 33 25.52 -20.97 -7.43
CA LEU A 33 24.05 -20.91 -7.51
C LEU A 33 23.39 -22.28 -7.68
N THR A 34 22.19 -22.42 -7.10
CA THR A 34 21.32 -23.58 -7.33
C THR A 34 19.88 -23.09 -7.29
N GLY A 35 18.97 -23.86 -7.88
CA GLY A 35 17.53 -23.61 -7.73
C GLY A 35 17.05 -24.03 -6.34
N TRP A 36 15.75 -23.87 -6.08
CA TRP A 36 15.18 -24.18 -4.77
C TRP A 36 15.45 -25.60 -4.26
N GLY A 37 15.46 -26.58 -5.17
CA GLY A 37 15.73 -27.98 -4.85
C GLY A 37 17.15 -28.23 -4.35
N ARG A 38 17.98 -27.18 -4.40
CA ARG A 38 19.38 -27.18 -3.91
C ARG A 38 20.24 -28.23 -4.61
N THR A 39 19.85 -28.56 -5.83
CA THR A 39 20.51 -29.58 -6.66
C THR A 39 21.18 -28.95 -7.90
N ALA A 40 22.16 -29.66 -8.47
CA ALA A 40 22.79 -29.30 -9.74
C ALA A 40 23.42 -27.89 -9.75
N PRO A 41 24.46 -27.67 -8.90
CA PRO A 41 25.02 -26.31 -8.80
C PRO A 41 25.93 -25.95 -9.98
N SER A 42 26.03 -24.64 -10.25
CA SER A 42 27.00 -24.10 -11.20
C SER A 42 27.42 -22.66 -10.81
N VAL A 43 28.69 -22.33 -11.06
CA VAL A 43 29.27 -21.07 -10.63
C VAL A 43 29.14 -19.98 -11.70
N ALA A 44 28.54 -18.85 -11.32
CA ALA A 44 28.38 -17.70 -12.22
C ALA A 44 28.80 -16.37 -11.59
N ASN A 45 29.28 -15.45 -12.43
CA ASN A 45 29.43 -14.06 -12.02
C ASN A 45 28.02 -13.46 -11.88
N VAL A 46 27.65 -13.12 -10.65
CA VAL A 46 26.35 -12.53 -10.34
C VAL A 46 26.44 -11.01 -10.17
N LEU A 47 25.74 -10.28 -11.03
CA LEU A 47 25.56 -8.83 -10.87
C LEU A 47 24.36 -8.55 -9.97
N ARG A 48 24.53 -7.64 -9.01
CA ARG A 48 23.47 -7.23 -8.10
C ARG A 48 23.43 -5.70 -7.99
N THR A 49 22.53 -5.07 -8.74
CA THR A 49 22.46 -3.60 -8.79
C THR A 49 21.04 -3.06 -8.91
N PRO A 50 20.72 -1.97 -8.19
CA PRO A 50 19.45 -1.28 -8.42
C PRO A 50 19.48 -0.37 -9.66
N ASP A 51 20.65 -0.24 -10.30
CA ASP A 51 20.82 0.73 -11.38
C ASP A 51 20.51 0.04 -12.71
N ALA A 52 19.36 0.36 -13.28
CA ALA A 52 18.94 -0.22 -14.56
C ALA A 52 20.00 0.01 -15.65
N GLU A 53 20.69 1.14 -15.58
CA GLU A 53 21.71 1.52 -16.57
C GLU A 53 22.91 0.58 -16.57
N MET A 54 23.27 0.05 -15.41
CA MET A 54 24.43 -0.84 -15.30
C MET A 54 24.07 -2.23 -15.83
N ILE A 55 22.82 -2.63 -15.62
CA ILE A 55 22.28 -3.86 -16.20
C ILE A 55 22.35 -3.81 -17.73
N VAL A 56 21.99 -2.64 -18.29
CA VAL A 56 22.02 -2.43 -19.75
C VAL A 56 23.43 -2.53 -20.33
N LYS A 57 24.38 -1.89 -19.66
CA LYS A 57 25.77 -1.92 -20.09
C LYS A 57 26.37 -3.30 -19.90
N ALA A 58 25.92 -4.03 -18.87
CA ALA A 58 26.38 -5.40 -18.61
C ALA A 58 26.05 -6.31 -19.79
N VAL A 59 24.80 -6.26 -20.23
CA VAL A 59 24.32 -7.03 -21.37
C VAL A 59 25.09 -6.70 -22.65
N ALA A 60 25.25 -5.40 -22.94
CA ALA A 60 26.09 -4.96 -24.06
C ALA A 60 27.54 -5.47 -23.93
N ARG A 61 28.04 -5.54 -22.70
CA ARG A 61 29.36 -6.12 -22.41
C ARG A 61 29.40 -7.62 -22.75
N VAL A 62 28.30 -8.33 -22.48
CA VAL A 62 28.17 -9.73 -22.88
C VAL A 62 28.05 -9.86 -24.39
N ALA A 63 27.32 -8.94 -25.01
CA ALA A 63 27.12 -8.94 -26.47
C ALA A 63 28.40 -8.62 -27.25
N GLU A 64 29.25 -7.76 -26.67
CA GLU A 64 30.49 -7.35 -27.31
C GLU A 64 31.53 -8.47 -27.29
N SER A 65 31.67 -9.14 -26.16
CA SER A 65 32.65 -10.21 -26.01
C SER A 65 32.24 -11.48 -26.76
N GLY A 66 31.84 -11.31 -28.02
CA GLY A 66 31.51 -12.42 -28.93
C GLY A 66 30.48 -13.40 -28.41
N GLY A 67 30.84 -14.68 -28.42
CA GLY A 67 29.96 -15.77 -28.02
C GLY A 67 29.79 -15.92 -26.52
N GLY A 68 30.83 -16.42 -25.86
CA GLY A 68 30.80 -16.69 -24.42
C GLY A 68 29.58 -17.49 -24.00
N ARG A 69 29.32 -17.55 -22.69
CA ARG A 69 28.15 -18.30 -22.22
C ARG A 69 27.01 -17.38 -21.82
N GLY A 70 27.04 -16.17 -22.36
CA GLY A 70 25.90 -15.24 -22.27
C GLY A 70 25.41 -14.83 -20.88
N ALA A 71 24.13 -14.47 -20.81
CA ALA A 71 23.55 -13.91 -19.58
C ALA A 71 22.16 -14.47 -19.29
N ILE A 72 21.76 -14.44 -18.02
CA ILE A 72 20.40 -14.82 -17.62
C ILE A 72 19.95 -14.02 -16.40
N ALA A 73 18.67 -13.63 -16.35
CA ALA A 73 18.14 -12.95 -15.16
C ALA A 73 17.76 -13.98 -14.11
N ARG A 74 17.73 -13.55 -12.87
CA ARG A 74 17.34 -14.37 -11.74
C ARG A 74 16.47 -13.53 -10.83
N GLY A 75 15.35 -14.11 -10.38
CA GLY A 75 14.46 -13.45 -9.42
C GLY A 75 14.83 -13.87 -8.01
N LEU A 76 13.86 -14.41 -7.28
CA LEU A 76 14.11 -14.82 -5.89
C LEU A 76 14.65 -16.24 -5.74
N GLY A 77 14.97 -16.88 -6.85
CA GLY A 77 15.57 -18.22 -6.87
C GLY A 77 14.61 -19.33 -6.46
N ARG A 78 13.30 -19.10 -6.57
CA ARG A 78 12.31 -20.08 -6.10
C ARG A 78 12.02 -21.17 -7.10
N SER A 79 12.50 -21.00 -8.32
CA SER A 79 12.32 -22.05 -9.30
C SER A 79 13.19 -23.22 -8.85
N TYR A 80 12.64 -24.44 -8.87
CA TYR A 80 13.38 -25.61 -8.36
C TYR A 80 14.49 -26.08 -9.28
N GLY A 81 14.41 -25.71 -10.56
CA GLY A 81 15.35 -26.21 -11.55
C GLY A 81 16.53 -25.30 -11.79
N ASP A 82 17.08 -25.41 -13.01
CA ASP A 82 18.31 -24.75 -13.41
C ASP A 82 18.05 -23.62 -14.42
N ASN A 83 16.88 -23.01 -14.38
CA ASN A 83 16.53 -22.00 -15.36
C ASN A 83 17.04 -20.59 -15.06
N ALA A 84 17.53 -20.38 -13.84
CA ALA A 84 18.05 -19.07 -13.37
C ALA A 84 19.46 -19.16 -12.83
N GLN A 85 20.24 -20.07 -13.39
CA GLN A 85 21.69 -20.14 -13.17
C GLN A 85 22.34 -20.27 -14.54
N ASN A 86 23.61 -19.92 -14.63
CA ASN A 86 24.27 -19.90 -15.91
C ASN A 86 25.76 -20.17 -15.73
N GLY A 87 26.09 -21.42 -15.39
CA GLY A 87 27.47 -21.81 -15.09
C GLY A 87 28.49 -21.28 -16.09
N GLY A 88 29.52 -20.63 -15.58
CA GLY A 88 30.58 -20.10 -16.42
C GLY A 88 30.21 -18.86 -17.24
N GLY A 89 29.03 -18.30 -16.95
CA GLY A 89 28.59 -17.05 -17.58
C GLY A 89 28.11 -16.04 -16.56
N LEU A 90 27.29 -15.09 -17.01
CA LEU A 90 26.81 -14.01 -16.16
C LEU A 90 25.34 -14.22 -15.75
N VAL A 91 25.04 -14.04 -14.46
CA VAL A 91 23.65 -14.06 -13.97
C VAL A 91 23.30 -12.71 -13.34
N ILE A 92 22.21 -12.12 -13.79
CA ILE A 92 21.84 -10.78 -13.29
C ILE A 92 20.73 -10.91 -12.26
N ASP A 93 21.06 -10.57 -11.02
CA ASP A 93 20.09 -10.60 -9.94
C ASP A 93 19.19 -9.37 -9.99
N MET A 94 17.89 -9.59 -10.22
CA MET A 94 16.93 -8.52 -10.47
C MET A 94 16.21 -7.98 -9.22
N THR A 95 16.47 -8.59 -8.06
CA THR A 95 15.72 -8.27 -6.83
C THR A 95 15.93 -6.85 -6.30
N PRO A 96 17.07 -6.21 -6.61
CA PRO A 96 17.20 -4.79 -6.22
C PRO A 96 16.41 -3.83 -7.09
N LEU A 97 15.90 -4.30 -8.24
CA LEU A 97 14.98 -3.48 -9.04
C LEU A 97 13.57 -3.72 -8.55
N ASN A 98 13.19 -3.11 -7.44
CA ASN A 98 11.90 -3.42 -6.80
C ASN A 98 11.06 -2.16 -6.50
N THR A 99 11.17 -1.16 -7.36
CA THR A 99 10.29 -0.02 -7.26
C THR A 99 8.90 -0.35 -7.78
N ILE A 100 7.90 -0.17 -6.92
CA ILE A 100 6.52 0.03 -7.37
C ILE A 100 6.36 1.49 -7.83
N HIS A 101 6.05 1.68 -9.11
CA HIS A 101 5.94 3.02 -9.71
C HIS A 101 4.61 3.68 -9.52
N SER A 102 3.53 2.94 -9.74
CA SER A 102 2.18 3.41 -9.54
C SER A 102 1.21 2.25 -9.37
N ILE A 103 0.11 2.53 -8.66
CA ILE A 103 -1.03 1.63 -8.56
C ILE A 103 -2.24 2.55 -8.80
N ASP A 104 -3.23 2.10 -9.56
CA ASP A 104 -4.41 2.92 -9.86
C ASP A 104 -5.65 2.07 -9.68
N ALA A 105 -6.54 2.49 -8.80
CA ALA A 105 -7.72 1.68 -8.47
C ALA A 105 -8.80 1.74 -9.55
N ASP A 106 -8.79 2.80 -10.35
CA ASP A 106 -9.82 3.00 -11.36
C ASP A 106 -9.55 2.19 -12.61
N THR A 107 -8.29 2.10 -13.01
CA THR A 107 -7.90 1.32 -14.18
C THR A 107 -7.49 -0.09 -13.75
N LYS A 108 -7.22 -0.27 -12.45
CA LYS A 108 -6.81 -1.55 -11.85
C LYS A 108 -5.43 -1.96 -12.31
N LEU A 109 -4.64 -0.98 -12.75
CA LEU A 109 -3.30 -1.22 -13.26
C LEU A 109 -2.20 -0.90 -12.25
N VAL A 110 -1.18 -1.73 -12.29
CA VAL A 110 -0.04 -1.60 -11.42
C VAL A 110 1.18 -1.54 -12.37
N ASP A 111 2.07 -0.58 -12.15
CA ASP A 111 3.29 -0.41 -12.96
C ASP A 111 4.48 -0.68 -12.03
N ILE A 112 5.15 -1.81 -12.22
CA ILE A 112 6.20 -2.22 -11.28
C ILE A 112 7.49 -2.69 -11.95
N ASP A 113 8.62 -2.47 -11.29
CA ASP A 113 9.87 -3.09 -11.67
C ASP A 113 9.72 -4.62 -11.60
N ALA A 114 10.57 -5.32 -12.34
CA ALA A 114 10.50 -6.76 -12.49
C ALA A 114 10.96 -7.49 -11.22
N GLY A 115 11.78 -6.84 -10.41
CA GLY A 115 12.23 -7.44 -9.19
C GLY A 115 11.28 -7.29 -8.00
N VAL A 116 10.17 -6.59 -8.16
CA VAL A 116 9.21 -6.61 -7.04
C VAL A 116 8.60 -8.01 -6.89
N ASN A 117 8.43 -8.42 -5.63
CA ASN A 117 7.83 -9.70 -5.37
C ASN A 117 6.34 -9.58 -5.12
N LEU A 118 5.64 -10.71 -5.25
CA LEU A 118 4.19 -10.72 -5.19
C LEU A 118 3.68 -10.50 -3.79
N ASP A 119 4.52 -10.71 -2.80
CA ASP A 119 4.15 -10.44 -1.41
C ASP A 119 4.13 -8.92 -1.18
N GLN A 120 5.19 -8.25 -1.61
CA GLN A 120 5.28 -6.80 -1.59
C GLN A 120 4.16 -6.17 -2.46
N LEU A 121 3.98 -6.70 -3.66
CA LEU A 121 2.88 -6.22 -4.49
C LEU A 121 1.51 -6.45 -3.80
N MET A 122 1.34 -7.59 -3.14
CA MET A 122 0.03 -7.87 -2.52
C MET A 122 -0.27 -6.86 -1.42
N LYS A 123 0.73 -6.54 -0.58
CA LYS A 123 0.55 -5.62 0.51
C LYS A 123 0.39 -4.17 -0.02
N ALA A 124 1.11 -3.82 -1.08
CA ALA A 124 0.98 -2.48 -1.63
C ALA A 124 -0.41 -2.31 -2.28
N ALA A 125 -0.92 -3.36 -2.93
CA ALA A 125 -2.19 -3.21 -3.66
C ALA A 125 -3.49 -3.29 -2.84
N LEU A 126 -3.45 -4.01 -1.72
CA LEU A 126 -4.68 -4.26 -0.95
C LEU A 126 -5.47 -2.99 -0.63
N PRO A 127 -4.82 -1.93 -0.09
CA PRO A 127 -5.62 -0.73 0.26
C PRO A 127 -6.33 -0.02 -0.91
N PHE A 128 -6.12 -0.49 -2.13
CA PHE A 128 -6.76 0.07 -3.32
C PHE A 128 -7.89 -0.84 -3.75
N GLY A 129 -8.15 -1.90 -2.99
CA GLY A 129 -9.14 -2.91 -3.38
C GLY A 129 -8.72 -3.72 -4.59
N LEU A 130 -7.43 -4.07 -4.62
CA LEU A 130 -6.86 -4.78 -5.76
C LEU A 130 -6.14 -6.07 -5.32
N TRP A 131 -6.38 -7.13 -6.06
CA TRP A 131 -5.87 -8.45 -5.71
C TRP A 131 -4.97 -8.94 -6.81
N VAL A 132 -3.80 -9.44 -6.44
CA VAL A 132 -2.87 -10.05 -7.39
C VAL A 132 -3.62 -11.17 -8.09
N PRO A 133 -3.65 -11.16 -9.42
CA PRO A 133 -4.63 -12.02 -10.09
C PRO A 133 -4.23 -13.51 -10.17
N VAL A 134 -2.95 -13.81 -9.99
CA VAL A 134 -2.51 -15.20 -9.96
C VAL A 134 -1.47 -15.28 -8.85
N LEU A 135 -1.68 -16.18 -7.90
CA LEU A 135 -0.72 -16.35 -6.81
C LEU A 135 -0.23 -17.78 -6.82
N PRO A 136 1.06 -17.96 -6.66
CA PRO A 136 1.56 -19.30 -6.58
C PRO A 136 1.64 -19.74 -5.11
N GLY A 137 2.10 -20.96 -4.87
CA GLY A 137 2.24 -21.47 -3.51
C GLY A 137 3.19 -20.76 -2.54
N THR A 138 3.95 -19.77 -2.99
CA THR A 138 4.79 -18.98 -2.09
C THR A 138 4.77 -17.55 -2.60
N ARG A 139 4.78 -16.56 -1.71
CA ARG A 139 4.68 -15.15 -2.18
C ARG A 139 6.06 -14.57 -2.55
N GLN A 140 7.12 -15.31 -2.25
CA GLN A 140 8.48 -14.88 -2.54
C GLN A 140 8.88 -15.23 -3.97
N VAL A 141 8.14 -14.69 -4.94
CA VAL A 141 8.54 -14.82 -6.34
C VAL A 141 8.44 -13.45 -6.96
N THR A 142 9.34 -13.14 -7.91
CA THR A 142 9.33 -11.85 -8.59
C THR A 142 8.32 -11.83 -9.72
N VAL A 143 7.89 -10.63 -10.10
CA VAL A 143 7.02 -10.41 -11.25
C VAL A 143 7.74 -10.98 -12.47
N GLY A 144 9.00 -10.57 -12.62
CA GLY A 144 9.86 -11.16 -13.66
C GLY A 144 9.81 -12.69 -13.73
N GLY A 145 9.98 -13.35 -12.59
CA GLY A 145 9.89 -14.83 -12.55
C GLY A 145 8.48 -15.33 -12.82
N ALA A 146 7.49 -14.57 -12.37
CA ALA A 146 6.08 -14.93 -12.53
C ALA A 146 5.71 -14.94 -14.01
N ILE A 147 6.23 -13.94 -14.75
CA ILE A 147 6.04 -13.89 -16.19
C ILE A 147 6.84 -14.96 -16.93
N ALA A 148 8.12 -15.05 -16.62
CA ALA A 148 9.00 -15.98 -17.34
C ALA A 148 8.62 -17.46 -17.16
N CYS A 149 8.00 -17.83 -16.03
CA CYS A 149 7.52 -19.21 -15.87
C CYS A 149 6.01 -19.31 -16.13
N ASP A 150 5.41 -18.17 -16.47
CA ASP A 150 3.96 -18.08 -16.71
C ASP A 150 3.17 -18.84 -15.64
N ILE A 151 3.37 -18.39 -14.39
CA ILE A 151 2.96 -19.14 -13.21
C ILE A 151 1.45 -19.30 -13.11
N HIS A 152 1.04 -20.39 -12.48
CA HIS A 152 -0.39 -20.63 -12.25
C HIS A 152 -0.65 -20.67 -10.79
N GLY A 153 -1.93 -20.67 -10.44
CA GLY A 153 -2.32 -20.97 -9.08
C GLY A 153 -3.66 -21.69 -8.99
N LYS A 154 -4.24 -21.58 -7.80
CA LYS A 154 -5.41 -22.33 -7.42
C LYS A 154 -6.64 -21.87 -8.17
N ASN A 155 -6.52 -20.74 -8.85
CA ASN A 155 -7.60 -20.19 -9.67
C ASN A 155 -7.37 -20.28 -11.19
N HIS A 156 -6.47 -21.14 -11.61
CA HIS A 156 -6.19 -21.26 -13.02
C HIS A 156 -7.40 -21.51 -13.88
N HIS A 157 -8.30 -22.39 -13.44
CA HIS A 157 -9.50 -22.71 -14.23
C HIS A 157 -10.42 -21.51 -14.38
N SER A 158 -10.29 -20.48 -13.54
CA SER A 158 -11.12 -19.27 -13.73
C SER A 158 -10.39 -18.03 -14.20
N ALA A 159 -9.06 -17.98 -13.99
CA ALA A 159 -8.25 -16.77 -14.24
C ALA A 159 -7.08 -16.93 -15.22
N GLY A 160 -6.79 -18.18 -15.58
CA GLY A 160 -5.62 -18.48 -16.40
C GLY A 160 -4.37 -18.32 -15.56
N SER A 161 -3.25 -18.12 -16.24
CA SER A 161 -1.99 -17.91 -15.59
C SER A 161 -1.54 -16.45 -15.61
N PHE A 162 -0.37 -16.20 -15.02
CA PHE A 162 0.11 -14.86 -14.81
C PHE A 162 0.19 -14.09 -16.12
N GLY A 163 0.79 -14.72 -17.12
CA GLY A 163 0.86 -14.11 -18.45
C GLY A 163 -0.45 -13.51 -18.94
N ASN A 164 -1.60 -14.09 -18.59
CA ASN A 164 -2.93 -13.58 -19.05
C ASN A 164 -3.25 -12.15 -18.61
N HIS A 165 -2.53 -11.65 -17.60
CA HIS A 165 -2.90 -10.43 -16.89
C HIS A 165 -1.92 -9.35 -17.11
N VAL A 166 -0.88 -9.66 -17.86
CA VAL A 166 0.18 -8.70 -18.16
C VAL A 166 -0.32 -7.85 -19.34
N ARG A 167 -0.46 -6.54 -19.13
CA ARG A 167 -0.90 -5.66 -20.21
C ARG A 167 0.29 -5.10 -20.97
N SER A 168 1.45 -4.99 -20.33
CA SER A 168 2.66 -4.50 -21.02
C SER A 168 3.88 -4.90 -20.24
N MET A 169 4.99 -5.08 -20.96
CA MET A 169 6.29 -5.24 -20.30
C MET A 169 7.40 -4.57 -21.11
N ASP A 170 8.45 -4.14 -20.42
CA ASP A 170 9.62 -3.55 -21.08
C ASP A 170 10.71 -4.60 -21.01
N LEU A 171 11.17 -5.04 -22.18
CA LEU A 171 12.14 -6.10 -22.30
C LEU A 171 13.48 -5.61 -22.85
N LEU A 172 14.54 -5.78 -22.07
CA LEU A 172 15.90 -5.53 -22.55
C LEU A 172 16.38 -6.70 -23.40
N THR A 173 16.44 -6.46 -24.71
CA THR A 173 16.77 -7.51 -25.68
C THR A 173 18.26 -7.50 -25.96
N ALA A 174 18.73 -8.53 -26.68
CA ALA A 174 20.15 -8.70 -27.03
C ALA A 174 20.83 -7.52 -27.73
N ASP A 175 20.07 -6.73 -28.48
CA ASP A 175 20.62 -5.59 -29.18
C ASP A 175 20.88 -4.38 -28.27
N GLY A 176 20.58 -4.52 -26.97
CA GLY A 176 20.83 -3.46 -25.99
C GLY A 176 19.72 -2.44 -25.88
N GLU A 177 18.68 -2.63 -26.67
CA GLU A 177 17.56 -1.72 -26.70
C GLU A 177 16.40 -2.27 -25.86
N ILE A 178 15.64 -1.36 -25.26
CA ILE A 178 14.50 -1.76 -24.42
C ILE A 178 13.22 -1.68 -25.25
N ARG A 179 12.55 -2.82 -25.39
CA ARG A 179 11.36 -2.93 -26.22
C ARG A 179 10.08 -2.97 -25.38
N HIS A 180 9.08 -2.21 -25.82
CA HIS A 180 7.78 -2.13 -25.16
C HIS A 180 6.83 -3.11 -25.79
N LEU A 181 6.43 -4.14 -25.04
CA LEU A 181 5.65 -5.25 -25.58
C LEU A 181 4.25 -5.25 -25.02
N THR A 182 3.29 -5.65 -25.88
CA THR A 182 1.89 -5.73 -25.50
C THR A 182 1.29 -7.01 -26.04
N PRO A 183 0.25 -7.53 -25.39
CA PRO A 183 -0.19 -8.85 -25.81
C PRO A 183 -0.90 -8.84 -27.16
N THR A 184 -1.42 -7.69 -27.59
CA THR A 184 -2.03 -7.57 -28.93
C THR A 184 -1.30 -6.51 -29.78
N GLY A 185 -1.62 -6.45 -31.06
CA GLY A 185 -0.88 -5.56 -31.95
C GLY A 185 0.52 -6.10 -32.25
N GLU A 186 1.36 -5.28 -32.91
CA GLU A 186 2.71 -5.71 -33.28
C GLU A 186 3.58 -5.97 -32.06
N ASP A 187 4.60 -6.80 -32.24
CA ASP A 187 5.41 -7.35 -31.13
C ASP A 187 4.70 -8.38 -30.25
N ALA A 188 3.44 -8.70 -30.57
CA ALA A 188 2.68 -9.74 -29.86
C ALA A 188 3.42 -11.08 -29.79
N GLU A 189 4.06 -11.45 -30.89
CA GLU A 189 4.75 -12.70 -31.02
C GLU A 189 5.86 -12.79 -29.99
N LEU A 190 6.63 -11.71 -29.89
CA LEU A 190 7.71 -11.63 -28.93
C LEU A 190 7.21 -11.57 -27.50
N PHE A 191 6.11 -10.85 -27.26
CA PHE A 191 5.51 -10.76 -25.94
C PHE A 191 5.13 -12.16 -25.46
N TRP A 192 4.47 -12.92 -26.33
CA TRP A 192 4.04 -14.28 -26.01
C TRP A 192 5.16 -15.31 -26.00
N ALA A 193 6.33 -14.93 -26.49
CA ALA A 193 7.50 -15.78 -26.39
C ALA A 193 8.22 -15.50 -25.08
N THR A 194 8.01 -14.32 -24.52
CA THR A 194 8.63 -13.90 -23.27
C THR A 194 7.88 -14.52 -22.09
N VAL A 195 6.55 -14.50 -22.18
CA VAL A 195 5.68 -15.23 -21.25
C VAL A 195 6.07 -16.69 -21.30
N GLY A 196 6.52 -17.24 -20.18
CA GLY A 196 6.95 -18.62 -20.12
C GLY A 196 8.23 -18.93 -20.88
N GLY A 197 8.97 -17.88 -21.24
CA GLY A 197 10.22 -18.03 -21.98
C GLY A 197 11.44 -18.25 -21.12
N ASN A 198 11.26 -18.32 -19.80
CA ASN A 198 12.34 -18.68 -18.87
C ASN A 198 13.57 -17.78 -19.03
N GLY A 199 13.35 -16.49 -19.32
CA GLY A 199 14.44 -15.53 -19.43
C GLY A 199 15.13 -15.46 -20.78
N LEU A 200 14.64 -16.24 -21.74
CA LEU A 200 15.45 -16.49 -22.94
C LEU A 200 15.18 -15.56 -24.11
N THR A 201 14.35 -14.54 -23.88
CA THR A 201 14.17 -13.49 -24.88
C THR A 201 14.85 -12.20 -24.44
N GLY A 202 15.40 -12.21 -23.22
CA GLY A 202 15.95 -11.02 -22.59
C GLY A 202 15.42 -10.74 -21.19
N ILE A 203 15.71 -9.55 -20.70
CA ILE A 203 15.45 -9.23 -19.31
C ILE A 203 14.24 -8.32 -19.18
N ILE A 204 13.21 -8.81 -18.51
CA ILE A 204 12.05 -7.99 -18.23
C ILE A 204 12.46 -7.00 -17.15
N MET A 205 12.37 -5.70 -17.46
CA MET A 205 12.78 -4.65 -16.52
C MET A 205 11.58 -4.17 -15.72
N ARG A 206 10.42 -4.22 -16.37
CA ARG A 206 9.27 -3.46 -15.91
C ARG A 206 8.02 -4.02 -16.59
N ALA A 207 6.91 -4.03 -15.86
CA ALA A 207 5.67 -4.51 -16.44
C ALA A 207 4.51 -3.75 -15.87
N THR A 208 3.40 -3.79 -16.61
CA THR A 208 2.13 -3.29 -16.12
C THR A 208 1.21 -4.50 -16.02
N ILE A 209 0.62 -4.69 -14.83
CA ILE A 209 -0.29 -5.79 -14.56
C ILE A 209 -1.69 -5.23 -14.30
N GLU A 210 -2.70 -5.91 -14.86
CA GLU A 210 -4.09 -5.68 -14.48
C GLU A 210 -4.46 -6.54 -13.29
N MET A 211 -4.96 -5.90 -12.25
CA MET A 211 -5.28 -6.58 -11.00
C MET A 211 -6.75 -7.00 -10.96
N THR A 212 -7.10 -7.86 -10.01
CA THR A 212 -8.48 -8.30 -9.84
C THR A 212 -9.05 -7.40 -8.76
N PRO A 213 -10.18 -6.69 -9.05
CA PRO A 213 -10.83 -5.92 -8.00
C PRO A 213 -11.33 -6.84 -6.87
N THR A 214 -11.26 -6.36 -5.63
CA THR A 214 -11.80 -7.09 -4.50
C THR A 214 -12.22 -6.10 -3.44
N SER A 215 -13.24 -6.45 -2.66
CA SER A 215 -13.63 -5.64 -1.53
C SER A 215 -13.12 -6.19 -0.19
N THR A 216 -12.43 -7.34 -0.20
CA THR A 216 -11.88 -7.88 1.06
C THR A 216 -10.59 -8.66 0.84
N ALA A 217 -9.83 -8.88 1.91
CA ALA A 217 -8.62 -9.73 1.84
C ALA A 217 -8.90 -11.19 2.26
N TYR A 218 -10.17 -11.60 2.18
CA TYR A 218 -10.63 -12.90 2.66
C TYR A 218 -11.28 -13.81 1.62
N PHE A 219 -11.34 -15.10 1.95
CA PHE A 219 -12.01 -16.10 1.14
C PHE A 219 -13.21 -16.72 1.85
N ILE A 220 -14.16 -17.17 1.05
CA ILE A 220 -15.24 -18.01 1.57
C ILE A 220 -15.12 -19.36 0.86
N ALA A 221 -15.00 -20.43 1.66
CA ALA A 221 -14.51 -21.71 1.22
C ALA A 221 -15.45 -22.88 1.58
N ASP A 222 -15.61 -23.81 0.65
CA ASP A 222 -16.33 -25.05 0.88
C ASP A 222 -15.30 -26.18 0.85
N GLY A 223 -15.44 -27.14 1.77
CA GLY A 223 -14.48 -28.21 1.93
C GLY A 223 -15.19 -29.50 1.66
N ASP A 224 -14.59 -30.35 0.83
CA ASP A 224 -15.17 -31.63 0.51
C ASP A 224 -14.11 -32.72 0.53
N VAL A 225 -14.45 -33.86 1.11
CA VAL A 225 -13.54 -34.98 1.27
C VAL A 225 -14.07 -36.16 0.47
N THR A 226 -13.19 -36.75 -0.33
CA THR A 226 -13.53 -37.89 -1.19
C THR A 226 -12.80 -39.07 -0.62
N ALA A 227 -13.29 -40.26 -0.96
CA ALA A 227 -12.74 -41.53 -0.47
C ALA A 227 -11.96 -42.27 -1.57
N SER A 228 -12.05 -41.79 -2.80
CA SER A 228 -11.41 -42.49 -3.91
C SER A 228 -10.99 -41.55 -5.01
N LEU A 229 -10.05 -41.99 -5.83
CA LEU A 229 -9.61 -41.25 -7.02
C LEU A 229 -10.79 -41.00 -7.96
N ASP A 230 -11.65 -42.01 -8.08
CA ASP A 230 -12.79 -41.94 -8.97
C ASP A 230 -13.83 -40.95 -8.45
N GLU A 231 -13.88 -40.78 -7.13
CA GLU A 231 -14.75 -39.79 -6.55
C GLU A 231 -14.14 -38.38 -6.72
N THR A 232 -12.84 -38.26 -6.48
CA THR A 232 -12.09 -37.02 -6.75
C THR A 232 -12.34 -36.52 -8.17
N ILE A 233 -12.19 -37.41 -9.14
CA ILE A 233 -12.41 -37.04 -10.55
C ILE A 233 -13.85 -36.59 -10.79
N ALA A 234 -14.81 -37.32 -10.23
CA ALA A 234 -16.23 -37.02 -10.44
C ALA A 234 -16.60 -35.65 -9.88
N LEU A 235 -16.06 -35.33 -8.70
CA LEU A 235 -16.27 -34.02 -8.09
C LEU A 235 -15.82 -32.92 -9.02
N HIS A 236 -14.76 -33.20 -9.77
CA HIS A 236 -14.17 -32.21 -10.68
C HIS A 236 -14.79 -32.18 -12.03
N SER A 237 -15.70 -33.13 -12.31
CA SER A 237 -16.37 -33.28 -13.60
C SER A 237 -17.88 -32.98 -13.59
N ASP A 238 -18.47 -32.82 -12.40
CA ASP A 238 -19.93 -32.72 -12.25
C ASP A 238 -20.49 -31.31 -12.50
N GLY A 239 -19.59 -30.35 -12.72
CA GLY A 239 -19.99 -28.96 -12.95
C GLY A 239 -19.85 -28.05 -11.74
N SER A 240 -19.52 -28.60 -10.59
CA SER A 240 -19.40 -27.82 -9.36
C SER A 240 -18.24 -26.81 -9.44
N GLU A 241 -17.27 -27.13 -10.27
CA GLU A 241 -16.05 -26.34 -10.40
C GLU A 241 -16.34 -24.91 -10.90
N ALA A 242 -17.37 -24.76 -11.74
CA ALA A 242 -17.79 -23.42 -12.24
C ALA A 242 -18.32 -22.47 -11.14
N ARG A 243 -18.80 -23.03 -10.02
CA ARG A 243 -19.26 -22.22 -8.87
C ARG A 243 -18.13 -21.58 -8.05
N TYR A 244 -16.89 -21.97 -8.33
CA TYR A 244 -15.77 -21.51 -7.51
C TYR A 244 -14.66 -20.96 -8.38
N THR A 245 -14.12 -19.82 -7.97
CA THR A 245 -12.97 -19.24 -8.67
C THR A 245 -11.63 -19.88 -8.26
N TYR A 246 -11.53 -20.42 -7.05
CA TYR A 246 -10.29 -21.05 -6.56
C TYR A 246 -10.61 -22.48 -6.18
N SER A 247 -9.78 -23.43 -6.60
CA SER A 247 -9.98 -24.85 -6.29
C SER A 247 -8.65 -25.60 -6.30
N SER A 248 -8.46 -26.46 -5.30
CA SER A 248 -7.30 -27.37 -5.24
C SER A 248 -7.58 -28.47 -4.22
N ALA A 249 -6.68 -29.46 -4.15
CA ALA A 249 -6.88 -30.54 -3.22
C ALA A 249 -5.58 -31.19 -2.83
N TRP A 250 -5.47 -31.61 -1.57
CA TRP A 250 -4.42 -32.49 -1.14
C TRP A 250 -4.90 -33.87 -1.43
N PHE A 251 -4.08 -34.68 -2.10
CA PHE A 251 -4.51 -36.04 -2.38
C PHE A 251 -3.53 -37.11 -1.89
N ASP A 252 -4.05 -38.33 -1.70
CA ASP A 252 -3.28 -39.48 -1.20
C ASP A 252 -2.59 -40.15 -2.40
N ALA A 253 -1.26 -40.22 -2.36
CA ALA A 253 -0.50 -40.85 -3.44
C ALA A 253 0.10 -42.18 -3.01
N ILE A 254 -0.20 -42.56 -1.77
CA ILE A 254 0.42 -43.71 -1.13
C ILE A 254 -0.47 -44.95 -1.00
N SER A 255 -1.74 -44.75 -0.63
CA SER A 255 -2.64 -45.89 -0.33
C SER A 255 -3.00 -46.67 -1.58
N ALA A 256 -3.31 -47.95 -1.39
CA ALA A 256 -3.72 -48.83 -2.47
C ALA A 256 -5.14 -48.45 -2.89
N PRO A 257 -5.49 -48.68 -4.18
CA PRO A 257 -6.87 -48.43 -4.63
C PRO A 257 -7.86 -49.34 -3.92
N PRO A 258 -9.12 -48.89 -3.74
CA PRO A 258 -9.66 -47.64 -4.29
C PRO A 258 -9.38 -46.38 -3.46
N LYS A 259 -8.72 -46.52 -2.31
CA LYS A 259 -8.33 -45.38 -1.47
C LYS A 259 -7.46 -44.37 -2.24
N LEU A 260 -6.46 -44.86 -2.96
CA LEU A 260 -5.60 -44.05 -3.79
C LEU A 260 -6.36 -42.93 -4.47
N GLY A 261 -5.87 -41.70 -4.32
CA GLY A 261 -6.49 -40.53 -4.93
C GLY A 261 -7.67 -39.96 -4.18
N ARG A 262 -7.93 -40.46 -2.97
CA ARG A 262 -8.83 -39.75 -2.05
C ARG A 262 -8.23 -38.38 -1.76
N ALA A 263 -9.08 -37.39 -1.51
CA ALA A 263 -8.61 -36.00 -1.46
C ALA A 263 -9.34 -35.17 -0.42
N ALA A 264 -8.65 -34.18 0.13
CA ALA A 264 -9.31 -33.10 0.86
C ALA A 264 -9.38 -31.92 -0.08
N VAL A 265 -10.57 -31.66 -0.61
CA VAL A 265 -10.75 -30.58 -1.57
C VAL A 265 -11.14 -29.27 -0.89
N SER A 266 -10.51 -28.20 -1.31
CA SER A 266 -10.78 -26.89 -0.78
C SER A 266 -11.10 -25.93 -1.92
N ARG A 267 -12.34 -25.44 -1.95
CA ARG A 267 -12.75 -24.51 -3.01
C ARG A 267 -13.43 -23.28 -2.47
N GLY A 268 -13.35 -22.18 -3.21
CA GLY A 268 -13.99 -20.95 -2.78
C GLY A 268 -13.78 -19.74 -3.66
N ARG A 269 -14.11 -18.57 -3.10
CA ARG A 269 -14.01 -17.27 -3.77
C ARG A 269 -13.59 -16.22 -2.74
N LEU A 270 -13.16 -15.07 -3.24
CA LEU A 270 -12.93 -13.89 -2.42
C LEU A 270 -14.26 -13.44 -1.86
N ALA A 271 -14.28 -13.13 -0.56
CA ALA A 271 -15.49 -12.70 0.11
C ALA A 271 -15.69 -11.21 -0.15
N THR A 272 -16.96 -10.81 -0.08
CA THR A 272 -17.37 -9.43 -0.12
C THR A 272 -17.54 -8.99 1.33
N VAL A 273 -17.63 -7.68 1.55
CA VAL A 273 -17.64 -7.18 2.90
C VAL A 273 -18.87 -7.63 3.71
N GLU A 274 -20.03 -7.78 3.07
CA GLU A 274 -21.28 -8.19 3.77
C GLU A 274 -21.26 -9.70 4.14
N GLN A 275 -20.25 -10.42 3.68
CA GLN A 275 -20.10 -11.83 4.06
C GLN A 275 -19.12 -12.03 5.21
N LEU A 276 -18.42 -10.96 5.60
CA LEU A 276 -17.49 -11.00 6.74
C LEU A 276 -18.23 -10.93 8.07
N PRO A 277 -17.76 -11.68 9.09
CA PRO A 277 -18.33 -11.50 10.45
C PRO A 277 -17.99 -10.09 10.94
N ALA A 278 -18.90 -9.49 11.71
CA ALA A 278 -18.79 -8.10 12.20
C ALA A 278 -17.40 -7.68 12.70
N LYS A 279 -16.81 -8.52 13.55
CA LYS A 279 -15.47 -8.28 14.12
C LYS A 279 -14.44 -7.90 13.06
N LEU A 280 -14.69 -8.31 11.81
CA LEU A 280 -13.77 -8.10 10.69
C LEU A 280 -14.22 -7.06 9.64
N ARG A 281 -15.43 -6.53 9.77
CA ARG A 281 -15.99 -5.61 8.75
C ARG A 281 -15.43 -4.19 8.75
N SER A 282 -14.74 -3.79 9.82
CA SER A 282 -14.16 -2.46 9.88
C SER A 282 -12.80 -2.35 9.18
N GLU A 283 -12.05 -3.46 9.13
CA GLU A 283 -10.81 -3.52 8.33
C GLU A 283 -10.85 -4.66 7.29
N PRO A 284 -11.73 -4.54 6.28
CA PRO A 284 -11.97 -5.68 5.35
C PRO A 284 -10.76 -6.08 4.51
N LEU A 285 -9.81 -5.18 4.37
CA LEU A 285 -8.68 -5.37 3.50
C LEU A 285 -7.37 -5.55 4.29
N LYS A 286 -7.46 -5.90 5.56
CA LYS A 286 -6.29 -6.18 6.41
C LYS A 286 -5.39 -7.27 5.83
N PHE A 287 -4.10 -6.98 5.77
CA PHE A 287 -3.11 -7.91 5.23
C PHE A 287 -2.80 -8.97 6.29
N ASP A 288 -2.63 -10.22 5.84
CA ASP A 288 -2.42 -11.39 6.74
C ASP A 288 -2.17 -12.65 5.89
N ALA A 304 0.46 -36.64 15.73
CA ALA A 304 0.21 -38.08 15.71
C ALA A 304 -0.10 -38.62 17.11
N ASN A 305 -1.14 -39.45 17.20
CA ASN A 305 -1.55 -40.07 18.47
C ASN A 305 -2.04 -41.51 18.23
N LYS A 306 -2.59 -42.13 19.25
CA LYS A 306 -3.04 -43.52 19.12
C LYS A 306 -4.24 -43.69 18.18
N TYR A 307 -4.98 -42.61 17.95
CA TYR A 307 -6.22 -42.62 17.19
C TYR A 307 -5.99 -42.29 15.74
N THR A 308 -4.82 -41.73 15.46
CA THR A 308 -4.59 -41.09 14.18
C THR A 308 -4.74 -42.01 12.96
N PHE A 309 -4.46 -43.29 13.11
CA PHE A 309 -4.58 -44.16 11.93
C PHE A 309 -5.72 -45.18 12.06
N GLY A 310 -6.56 -44.99 13.05
CA GLY A 310 -7.77 -45.79 13.19
C GLY A 310 -9.03 -45.12 12.64
N PRO A 311 -10.19 -45.79 12.83
CA PRO A 311 -11.46 -45.25 12.33
C PRO A 311 -11.87 -43.88 12.92
N ILE A 312 -11.50 -43.62 14.21
CA ILE A 312 -11.83 -42.35 14.87
C ILE A 312 -11.17 -41.19 14.15
N GLY A 313 -9.95 -41.40 13.66
CA GLY A 313 -9.31 -40.33 12.92
C GLY A 313 -9.84 -40.22 11.51
N GLU A 314 -10.24 -41.34 10.91
CA GLU A 314 -10.86 -41.27 9.59
C GLU A 314 -12.10 -40.38 9.73
N LEU A 315 -12.87 -40.58 10.80
CA LEU A 315 -14.03 -39.73 11.08
C LEU A 315 -13.68 -38.26 11.30
N TRP A 316 -12.68 -37.99 12.15
CA TRP A 316 -12.18 -36.63 12.40
C TRP A 316 -11.76 -35.97 11.13
N TYR A 317 -11.00 -36.71 10.32
CA TYR A 317 -10.55 -36.25 9.02
C TYR A 317 -11.71 -35.89 8.07
N ARG A 318 -12.76 -36.71 8.02
CA ARG A 318 -13.95 -36.37 7.23
C ARG A 318 -14.62 -35.10 7.77
N LYS A 319 -14.83 -35.06 9.08
CA LYS A 319 -15.51 -33.94 9.72
C LYS A 319 -14.76 -32.65 9.43
N SER A 320 -13.50 -32.59 9.85
CA SER A 320 -12.74 -31.34 9.78
C SER A 320 -12.45 -30.91 8.36
N GLY A 321 -12.55 -31.84 7.40
CA GLY A 321 -12.40 -31.49 5.98
C GLY A 321 -13.69 -31.17 5.25
N THR A 322 -14.82 -31.33 5.93
CA THR A 322 -16.15 -31.04 5.37
C THR A 322 -16.77 -29.80 6.02
N TYR A 323 -17.02 -28.77 5.22
CA TYR A 323 -17.56 -27.51 5.71
C TYR A 323 -18.14 -26.67 4.58
N ARG A 324 -18.96 -25.69 4.96
CA ARG A 324 -19.57 -24.75 4.03
C ARG A 324 -19.43 -23.32 4.53
N GLY A 325 -19.06 -22.43 3.61
CA GLY A 325 -19.03 -20.99 3.89
C GLY A 325 -18.10 -20.54 5.02
N LYS A 326 -16.95 -21.20 5.13
CA LYS A 326 -15.93 -20.83 6.11
C LYS A 326 -15.18 -19.62 5.57
N VAL A 327 -15.06 -18.58 6.38
CA VAL A 327 -14.30 -17.41 5.97
C VAL A 327 -12.88 -17.66 6.42
N GLN A 328 -11.94 -17.39 5.51
CA GLN A 328 -10.52 -17.63 5.76
C GLN A 328 -9.67 -16.49 5.20
N ASN A 329 -8.62 -16.12 5.92
CA ASN A 329 -7.64 -15.17 5.39
C ASN A 329 -6.73 -15.86 4.41
N LEU A 330 -5.77 -15.12 3.85
CA LEU A 330 -4.85 -15.67 2.87
C LEU A 330 -4.12 -16.91 3.37
N THR A 331 -3.53 -16.85 4.55
CA THR A 331 -2.79 -17.99 5.09
C THR A 331 -3.66 -19.25 5.26
N GLN A 332 -4.82 -19.12 5.91
CA GLN A 332 -5.68 -20.30 6.19
C GLN A 332 -6.14 -21.01 4.92
N PHE A 333 -6.46 -20.23 3.90
CA PHE A 333 -6.99 -20.77 2.67
C PHE A 333 -5.88 -21.11 1.71
N TYR A 334 -4.88 -20.23 1.57
CA TYR A 334 -3.96 -20.32 0.42
C TYR A 334 -2.59 -20.96 0.71
N HIS A 335 -2.08 -20.73 1.91
CA HIS A 335 -0.84 -21.35 2.37
C HIS A 335 -1.14 -22.23 3.59
N PRO A 336 -1.88 -23.35 3.40
CA PRO A 336 -2.33 -24.13 4.58
C PRO A 336 -1.24 -24.90 5.35
N LEU A 337 -0.04 -25.00 4.77
CA LEU A 337 1.07 -25.75 5.40
C LEU A 337 1.79 -24.97 6.52
N GLY A 351 16.46 -32.87 0.39
CA GLY A 351 16.59 -34.27 -0.04
C GLY A 351 15.36 -34.80 -0.76
N PHE A 352 14.72 -33.95 -1.54
CA PHE A 352 13.47 -34.26 -2.25
C PHE A 352 13.54 -33.87 -3.72
N LEU A 353 12.68 -34.51 -4.49
CA LEU A 353 12.58 -34.23 -5.89
C LEU A 353 11.14 -33.85 -6.18
N GLN A 354 10.97 -32.60 -6.57
CA GLN A 354 9.67 -32.05 -6.88
C GLN A 354 9.32 -32.47 -8.29
N TYR A 355 8.13 -33.02 -8.47
CA TYR A 355 7.70 -33.44 -9.79
C TYR A 355 6.26 -33.01 -10.05
N GLN A 356 6.05 -32.35 -11.18
CA GLN A 356 4.74 -31.82 -11.53
C GLN A 356 4.40 -32.10 -13.01
N PHE A 357 3.18 -32.54 -13.26
CA PHE A 357 2.77 -32.74 -14.63
C PHE A 357 1.30 -32.41 -14.76
N VAL A 358 0.85 -32.18 -16.00
CA VAL A 358 -0.55 -32.06 -16.33
C VAL A 358 -0.84 -33.03 -17.47
N ILE A 359 -1.99 -33.68 -17.39
CA ILE A 359 -2.51 -34.61 -18.39
C ILE A 359 -3.80 -33.99 -18.94
N PRO A 360 -3.96 -33.95 -20.27
CA PRO A 360 -5.13 -33.32 -20.91
C PRO A 360 -6.45 -33.90 -20.39
N THR A 361 -7.49 -33.06 -20.32
CA THR A 361 -8.74 -33.40 -19.64
C THR A 361 -9.34 -34.72 -20.08
N GLU A 362 -9.32 -34.94 -21.40
CA GLU A 362 -10.05 -36.06 -21.97
C GLU A 362 -9.35 -37.37 -21.62
N ALA A 363 -8.08 -37.33 -21.22
CA ALA A 363 -7.33 -38.56 -21.01
C ALA A 363 -7.39 -38.99 -19.55
N VAL A 364 -8.60 -39.12 -19.06
CA VAL A 364 -8.86 -39.41 -17.66
C VAL A 364 -8.39 -40.83 -17.26
N ASP A 365 -8.64 -41.83 -18.12
CA ASP A 365 -8.17 -43.20 -17.85
C ASP A 365 -6.65 -43.23 -17.71
N GLU A 366 -5.99 -42.56 -18.66
CA GLU A 366 -4.54 -42.43 -18.68
C GLU A 366 -4.00 -41.75 -17.40
N PHE A 367 -4.70 -40.72 -16.94
CA PHE A 367 -4.32 -40.05 -15.72
C PHE A 367 -4.40 -40.98 -14.52
N LYS A 368 -5.45 -41.78 -14.44
CA LYS A 368 -5.64 -42.71 -13.35
C LYS A 368 -4.52 -43.73 -13.34
N LYS A 369 -4.18 -44.23 -14.53
CA LYS A 369 -3.09 -45.15 -14.66
C LYS A 369 -1.79 -44.52 -14.12
N ILE A 370 -1.40 -43.32 -14.57
CA ILE A 370 -0.18 -42.66 -14.04
C ILE A 370 -0.14 -42.65 -12.50
N ILE A 371 -1.20 -42.20 -11.86
CA ILE A 371 -1.34 -42.27 -10.41
C ILE A 371 -1.09 -43.66 -9.81
N GLY A 372 -1.62 -44.71 -10.43
CA GLY A 372 -1.38 -46.07 -9.97
C GLY A 372 0.06 -46.51 -10.08
N VAL A 373 0.69 -46.12 -11.18
CA VAL A 373 2.12 -46.38 -11.38
C VAL A 373 2.89 -45.73 -10.25
N ILE A 374 2.54 -44.49 -9.90
CA ILE A 374 3.15 -43.83 -8.77
C ILE A 374 2.95 -44.59 -7.46
N GLN A 375 1.73 -45.07 -7.15
CA GLN A 375 1.60 -45.68 -5.81
C GLN A 375 2.25 -47.05 -5.68
N ALA A 376 2.21 -47.82 -6.77
CA ALA A 376 2.90 -49.11 -6.82
C ALA A 376 4.43 -48.98 -7.02
N SER A 377 4.92 -47.77 -7.24
CA SER A 377 6.35 -47.55 -7.47
C SER A 377 7.31 -47.79 -6.28
N GLY A 378 6.81 -47.73 -5.04
CA GLY A 378 7.70 -47.86 -3.87
C GLY A 378 8.42 -46.56 -3.52
N HIS A 379 8.00 -45.47 -4.16
CA HIS A 379 8.42 -44.12 -3.85
C HIS A 379 7.22 -43.40 -3.32
N TYR A 380 7.30 -42.97 -2.07
CA TYR A 380 6.13 -42.45 -1.37
C TYR A 380 6.22 -40.95 -1.25
N SER A 381 5.14 -40.28 -1.65
CA SER A 381 5.05 -38.84 -1.64
C SER A 381 3.88 -38.42 -0.73
N PHE A 382 4.13 -37.47 0.17
CA PHE A 382 3.11 -37.03 1.15
C PHE A 382 2.45 -35.70 0.81
N LEU A 383 3.25 -34.75 0.30
CA LEU A 383 2.72 -33.45 -0.12
C LEU A 383 2.22 -33.53 -1.54
N ASN A 384 0.95 -33.87 -1.72
CA ASN A 384 0.42 -33.98 -3.07
C ASN A 384 -0.70 -32.98 -3.32
N VAL A 385 -0.52 -32.13 -4.33
CA VAL A 385 -1.53 -31.14 -4.71
C VAL A 385 -2.12 -31.51 -6.06
N PHE A 386 -3.45 -31.52 -6.13
CA PHE A 386 -4.20 -31.83 -7.34
C PHE A 386 -5.10 -30.66 -7.70
N LYS A 387 -5.27 -30.40 -9.00
CA LYS A 387 -6.21 -29.39 -9.46
C LYS A 387 -6.54 -29.67 -10.93
N LEU A 388 -7.69 -29.18 -11.38
CA LEU A 388 -8.06 -29.24 -12.78
C LEU A 388 -7.79 -27.88 -13.42
N PHE A 389 -6.83 -27.83 -14.35
CA PHE A 389 -6.52 -26.58 -15.02
C PHE A 389 -7.63 -26.23 -16.01
N GLY A 390 -7.84 -24.94 -16.28
CA GLY A 390 -8.76 -24.52 -17.35
C GLY A 390 -8.05 -24.26 -18.68
N PRO A 391 -8.66 -23.45 -19.56
CA PRO A 391 -8.09 -23.09 -20.86
C PRO A 391 -6.65 -22.57 -20.77
N ARG A 392 -5.85 -22.93 -21.78
CA ARG A 392 -4.46 -22.47 -21.96
C ARG A 392 -4.39 -21.07 -22.60
N ASN A 393 -3.22 -20.45 -22.60
CA ASN A 393 -3.08 -19.16 -23.32
C ASN A 393 -2.22 -19.36 -24.57
N GLN A 394 -1.95 -18.28 -25.29
CA GLN A 394 -1.24 -18.41 -26.57
C GLN A 394 0.28 -18.53 -26.46
N ALA A 395 0.85 -18.52 -25.25
CA ALA A 395 2.30 -18.59 -25.15
C ALA A 395 2.80 -19.98 -25.53
N PRO A 396 3.75 -20.06 -26.49
CA PRO A 396 4.08 -21.41 -26.99
C PRO A 396 4.70 -22.31 -25.93
N LEU A 397 5.39 -21.75 -24.94
CA LEU A 397 6.04 -22.55 -23.89
C LEU A 397 5.33 -22.51 -22.54
N SER A 398 4.17 -21.87 -22.48
CA SER A 398 3.33 -21.91 -21.28
C SER A 398 3.13 -23.36 -20.87
N PHE A 399 3.25 -23.63 -19.58
CA PHE A 399 3.09 -25.00 -19.10
C PHE A 399 1.62 -25.46 -19.00
N PRO A 400 0.72 -24.63 -18.43
CA PRO A 400 -0.62 -25.15 -18.18
C PRO A 400 -1.42 -25.45 -19.43
N ILE A 401 -2.09 -26.61 -19.44
CA ILE A 401 -3.14 -26.92 -20.41
C ILE A 401 -4.42 -27.43 -19.70
N PRO A 402 -5.61 -27.34 -20.33
CA PRO A 402 -6.78 -27.88 -19.62
C PRO A 402 -6.63 -29.37 -19.33
N GLY A 403 -6.74 -29.72 -18.05
CA GLY A 403 -6.51 -31.09 -17.64
C GLY A 403 -6.02 -31.22 -16.21
N TRP A 404 -5.53 -32.41 -15.92
CA TRP A 404 -5.35 -32.92 -14.57
C TRP A 404 -3.96 -32.63 -14.17
N ASN A 405 -3.79 -31.73 -13.23
CA ASN A 405 -2.48 -31.34 -12.82
C ASN A 405 -2.16 -31.91 -11.45
N ILE A 406 -0.94 -32.40 -11.30
CA ILE A 406 -0.53 -32.88 -10.01
C ILE A 406 0.92 -32.57 -9.69
N CYS A 407 1.17 -32.30 -8.42
CA CYS A 407 2.48 -32.01 -7.87
C CYS A 407 2.78 -33.04 -6.82
N VAL A 408 3.88 -33.76 -6.96
CA VAL A 408 4.30 -34.72 -5.97
C VAL A 408 5.73 -34.41 -5.53
N ASP A 409 6.14 -34.98 -4.40
CA ASP A 409 7.45 -34.71 -3.81
C ASP A 409 8.09 -36.00 -3.31
N PHE A 410 9.04 -36.52 -4.07
CA PHE A 410 9.65 -37.78 -3.71
C PHE A 410 10.95 -37.55 -2.97
N PRO A 411 11.15 -38.30 -1.87
CA PRO A 411 12.41 -38.38 -1.18
C PRO A 411 13.44 -38.98 -2.11
N ILE A 412 14.60 -38.34 -2.20
CA ILE A 412 15.69 -38.85 -3.02
C ILE A 412 16.21 -40.17 -2.44
N LYS A 413 16.05 -41.21 -3.25
CA LYS A 413 16.20 -42.64 -2.88
C LYS A 413 16.87 -43.35 -4.10
N ASP A 414 17.43 -44.52 -3.87
CA ASP A 414 17.91 -45.41 -4.93
C ASP A 414 16.85 -45.73 -6.00
N GLY A 415 17.16 -45.41 -7.25
CA GLY A 415 16.30 -45.75 -8.36
C GLY A 415 15.22 -44.77 -8.70
N LEU A 416 15.17 -43.64 -7.98
CA LEU A 416 14.16 -42.63 -8.23
C LEU A 416 14.43 -42.00 -9.58
N GLY A 417 15.71 -41.70 -9.84
CA GLY A 417 16.11 -41.01 -11.09
C GLY A 417 15.60 -41.76 -12.32
N LYS A 418 15.82 -43.07 -12.34
CA LYS A 418 15.38 -43.86 -13.47
C LYS A 418 13.87 -44.06 -13.48
N PHE A 419 13.24 -43.95 -12.32
CA PHE A 419 11.80 -44.07 -12.23
C PHE A 419 11.06 -42.84 -12.80
N VAL A 420 11.56 -41.63 -12.53
CA VAL A 420 10.92 -40.44 -13.01
C VAL A 420 11.15 -40.27 -14.51
N SER A 421 12.25 -40.82 -15.02
CA SER A 421 12.46 -40.88 -16.46
C SER A 421 11.34 -41.65 -17.11
N GLU A 422 10.97 -42.78 -16.50
CA GLU A 422 9.84 -43.58 -16.93
C GLU A 422 8.50 -42.86 -16.79
N LEU A 423 8.36 -42.05 -15.74
CA LEU A 423 7.22 -41.18 -15.61
C LEU A 423 7.14 -40.16 -16.74
N ASP A 424 8.29 -39.56 -17.08
CA ASP A 424 8.40 -38.62 -18.21
C ASP A 424 7.76 -39.23 -19.46
N ARG A 425 8.14 -40.47 -19.74
CA ARG A 425 7.69 -41.17 -20.94
C ARG A 425 6.19 -41.36 -20.91
N ARG A 426 5.67 -41.80 -19.78
CA ARG A 426 4.23 -41.93 -19.64
C ARG A 426 3.51 -40.59 -19.81
N VAL A 427 4.02 -39.53 -19.18
CA VAL A 427 3.42 -38.19 -19.28
C VAL A 427 3.40 -37.75 -20.74
N LEU A 428 4.57 -37.88 -21.40
CA LEU A 428 4.69 -37.59 -22.83
C LEU A 428 3.63 -38.34 -23.64
N GLU A 429 3.67 -39.67 -23.56
CA GLU A 429 2.77 -40.56 -24.29
C GLU A 429 1.30 -40.23 -24.06
N PHE A 430 0.96 -39.76 -22.85
CA PHE A 430 -0.40 -39.38 -22.49
C PHE A 430 -0.73 -37.91 -22.78
N GLY A 431 0.17 -37.24 -23.49
CA GLY A 431 -0.07 -35.91 -24.02
C GLY A 431 0.17 -34.75 -23.07
N GLY A 432 0.81 -35.03 -21.93
CA GLY A 432 1.07 -34.02 -20.93
C GLY A 432 2.45 -33.40 -21.09
N ARG A 433 2.85 -32.63 -20.08
CA ARG A 433 4.15 -32.00 -20.09
C ARG A 433 4.56 -31.83 -18.66
N LEU A 434 5.84 -31.53 -18.45
CA LEU A 434 6.40 -31.13 -17.15
C LEU A 434 6.60 -29.64 -17.21
N TYR A 435 6.93 -29.07 -16.05
CA TYR A 435 7.02 -27.65 -15.81
C TYR A 435 8.48 -27.29 -15.58
N THR A 436 9.01 -26.35 -16.35
CA THR A 436 10.41 -25.94 -16.19
C THR A 436 10.74 -25.42 -14.79
N ALA A 437 9.80 -24.71 -14.17
CA ALA A 437 10.00 -24.25 -12.79
C ALA A 437 10.25 -25.38 -11.80
N LYS A 438 9.75 -26.58 -12.10
CA LYS A 438 9.94 -27.77 -11.23
C LYS A 438 11.03 -28.75 -11.73
N ASP A 439 11.54 -28.55 -12.94
CA ASP A 439 12.39 -29.56 -13.57
C ASP A 439 13.86 -29.23 -13.59
N SER A 440 14.65 -30.24 -13.27
CA SER A 440 16.09 -30.10 -13.35
C SER A 440 16.70 -31.23 -14.19
N ARG A 441 15.90 -32.24 -14.54
CA ARG A 441 16.49 -33.47 -15.07
C ARG A 441 15.90 -34.16 -16.32
N THR A 442 14.81 -33.65 -16.89
CA THR A 442 14.28 -34.26 -18.11
C THR A 442 15.23 -34.05 -19.33
N THR A 443 14.98 -34.75 -20.44
CA THR A 443 15.86 -34.60 -21.59
C THR A 443 15.27 -33.57 -22.57
N ALA A 444 16.14 -33.01 -23.41
CA ALA A 444 15.74 -32.17 -24.53
C ALA A 444 14.70 -32.87 -25.41
N GLU A 445 14.89 -34.15 -25.71
CA GLU A 445 13.96 -34.86 -26.59
C GLU A 445 12.57 -35.00 -25.96
N THR A 446 12.51 -35.39 -24.70
CA THR A 446 11.24 -35.42 -23.99
C THR A 446 10.59 -34.04 -23.94
N PHE A 447 11.37 -33.02 -23.62
CA PHE A 447 10.81 -31.70 -23.47
C PHE A 447 10.22 -31.18 -24.79
N HIS A 448 10.97 -31.32 -25.88
CA HIS A 448 10.55 -30.86 -27.21
C HIS A 448 9.28 -31.51 -27.66
N ALA A 449 9.17 -32.81 -27.42
CA ALA A 449 7.96 -33.54 -27.79
C ALA A 449 6.76 -33.16 -26.90
N MET A 450 7.01 -32.82 -25.64
CA MET A 450 5.95 -32.39 -24.73
C MET A 450 5.39 -31.03 -25.10
N TYR A 451 6.22 -30.21 -25.74
CA TYR A 451 5.84 -28.87 -26.20
C TYR A 451 5.93 -28.75 -27.74
N PRO A 452 4.89 -29.20 -28.46
CA PRO A 452 5.07 -29.26 -29.93
C PRO A 452 5.22 -27.87 -30.63
N ARG A 453 4.94 -26.79 -29.92
CA ARG A 453 5.19 -25.44 -30.46
C ARG A 453 6.58 -24.91 -30.10
N VAL A 454 7.47 -25.78 -29.61
CA VAL A 454 8.82 -25.36 -29.25
C VAL A 454 9.59 -24.79 -30.46
N ASP A 455 9.44 -25.40 -31.63
CA ASP A 455 10.11 -24.94 -32.86
C ASP A 455 9.64 -23.54 -33.22
N GLU A 456 8.33 -23.31 -33.09
CA GLU A 456 7.76 -21.98 -33.31
C GLU A 456 8.36 -21.00 -32.33
N TRP A 457 8.49 -21.39 -31.06
CA TRP A 457 9.15 -20.56 -30.03
C TRP A 457 10.61 -20.31 -30.31
N ILE A 458 11.34 -21.36 -30.64
CA ILE A 458 12.77 -21.24 -30.95
C ILE A 458 13.01 -20.22 -32.07
N SER A 459 12.13 -20.23 -33.06
CA SER A 459 12.28 -19.33 -34.19
C SER A 459 12.18 -17.86 -33.76
N VAL A 460 11.28 -17.57 -32.82
CA VAL A 460 11.15 -16.22 -32.26
C VAL A 460 12.40 -15.79 -31.48
N ARG A 461 12.92 -16.71 -30.67
CA ARG A 461 14.12 -16.45 -29.90
C ARG A 461 15.31 -16.16 -30.81
N ARG A 462 15.37 -16.82 -31.97
CA ARG A 462 16.48 -16.60 -32.91
C ARG A 462 16.40 -15.26 -33.60
N LYS A 463 15.19 -14.72 -33.74
CA LYS A 463 15.06 -13.36 -34.29
C LYS A 463 15.51 -12.30 -33.29
N VAL A 464 15.25 -12.54 -32.02
CA VAL A 464 15.51 -11.55 -30.98
C VAL A 464 16.91 -11.70 -30.36
N ASP A 465 17.45 -12.90 -30.39
CA ASP A 465 18.77 -13.15 -29.83
C ASP A 465 19.65 -13.94 -30.83
N PRO A 466 20.02 -13.30 -31.96
CA PRO A 466 20.72 -14.05 -33.02
C PRO A 466 22.06 -14.63 -32.57
N LEU A 467 22.76 -13.87 -31.74
CA LEU A 467 24.09 -14.23 -31.23
C LEU A 467 24.05 -15.01 -29.91
N ARG A 468 22.86 -15.43 -29.51
CA ARG A 468 22.69 -16.21 -28.27
C ARG A 468 23.31 -15.51 -27.05
N VAL A 469 23.04 -14.22 -26.93
CA VAL A 469 23.40 -13.42 -25.75
C VAL A 469 22.73 -13.95 -24.46
N PHE A 470 21.48 -14.39 -24.54
CA PHE A 470 20.82 -14.94 -23.36
C PHE A 470 20.87 -16.46 -23.29
N ALA A 471 21.47 -16.97 -22.22
CA ALA A 471 21.72 -18.41 -22.06
C ALA A 471 21.59 -18.81 -20.58
N SER A 472 21.16 -20.04 -20.36
CA SER A 472 21.10 -20.62 -19.00
C SER A 472 21.43 -22.12 -18.99
N ASP A 473 21.68 -22.65 -17.79
CA ASP A 473 21.89 -24.10 -17.64
C ASP A 473 20.74 -24.91 -18.25
N MET A 474 19.52 -24.41 -18.10
CA MET A 474 18.35 -25.09 -18.68
C MET A 474 18.34 -25.02 -20.21
N ALA A 475 18.72 -23.88 -20.77
CA ALA A 475 18.69 -23.66 -22.21
C ALA A 475 19.59 -24.68 -22.94
N ARG A 476 20.72 -24.98 -22.32
CA ARG A 476 21.73 -25.86 -22.89
C ARG A 476 21.30 -27.31 -22.70
N ARG A 477 20.75 -27.61 -21.52
CA ARG A 477 20.25 -28.95 -21.22
C ARG A 477 19.06 -29.24 -22.12
N LEU A 478 18.13 -28.29 -22.20
CA LEU A 478 16.91 -28.53 -22.95
C LEU A 478 17.01 -28.17 -24.42
N GLU A 479 18.20 -27.77 -24.85
CA GLU A 479 18.43 -27.35 -26.24
C GLU A 479 17.42 -26.31 -26.75
N LEU A 480 17.28 -25.24 -25.96
CA LEU A 480 16.51 -24.07 -26.35
C LEU A 480 17.49 -22.93 -26.64
N LEU A 481 18.78 -23.21 -26.50
CA LEU A 481 19.84 -22.24 -26.72
C LEU A 481 19.80 -21.69 -28.14
N THR B 27 -33.34 10.31 3.13
CA THR B 27 -31.99 9.66 3.21
C THR B 27 -31.02 10.44 4.11
N THR B 28 -31.56 11.35 4.93
CA THR B 28 -30.76 12.09 5.93
C THR B 28 -31.25 11.83 7.36
N THR B 29 -30.39 12.03 8.36
CA THR B 29 -30.74 11.76 9.76
C THR B 29 -30.50 12.96 10.68
N ALA B 30 -31.49 13.26 11.52
CA ALA B 30 -31.33 14.23 12.59
C ALA B 30 -30.33 13.69 13.62
N THR B 31 -29.23 14.43 13.80
CA THR B 31 -28.15 14.02 14.70
C THR B 31 -27.69 15.18 15.59
N ARG B 32 -27.34 14.86 16.83
CA ARG B 32 -26.81 15.83 17.79
C ARG B 32 -25.29 15.86 17.72
N LEU B 33 -24.75 16.77 16.90
CA LEU B 33 -23.31 16.84 16.62
C LEU B 33 -22.56 17.88 17.46
N THR B 34 -21.24 17.71 17.56
CA THR B 34 -20.36 18.61 18.32
C THR B 34 -18.98 18.80 17.69
N GLY B 35 -18.14 19.61 18.35
CA GLY B 35 -16.71 19.63 18.09
C GLY B 35 -16.06 18.58 18.98
N TRP B 36 -14.75 18.38 18.84
CA TRP B 36 -14.03 17.35 19.62
C TRP B 36 -13.91 17.70 21.08
N GLY B 37 -13.99 19.00 21.39
CA GLY B 37 -13.97 19.49 22.77
C GLY B 37 -15.26 19.20 23.50
N ARG B 38 -16.11 18.36 22.89
CA ARG B 38 -17.44 17.96 23.44
C ARG B 38 -18.26 19.17 23.91
N THR B 39 -18.15 20.28 23.19
CA THR B 39 -18.69 21.57 23.64
C THR B 39 -19.61 22.26 22.61
N ALA B 40 -20.56 23.04 23.14
CA ALA B 40 -21.61 23.73 22.35
C ALA B 40 -22.32 22.82 21.33
N PRO B 41 -23.29 22.00 21.79
CA PRO B 41 -23.98 21.07 20.90
C PRO B 41 -24.98 21.74 19.93
N SER B 42 -25.23 21.09 18.80
CA SER B 42 -26.25 21.53 17.83
C SER B 42 -26.88 20.32 17.11
N VAL B 43 -28.07 20.53 16.56
CA VAL B 43 -28.82 19.45 15.90
C VAL B 43 -28.95 19.73 14.39
N ALA B 44 -28.52 18.76 13.58
CA ALA B 44 -28.57 18.89 12.12
C ALA B 44 -29.05 17.62 11.40
N ASN B 45 -29.59 17.78 10.20
CA ASN B 45 -29.84 16.66 9.31
C ASN B 45 -28.50 16.24 8.69
N VAL B 46 -28.12 14.97 8.90
CA VAL B 46 -26.79 14.48 8.58
C VAL B 46 -26.82 13.44 7.45
N LEU B 47 -26.15 13.76 6.35
CA LEU B 47 -26.14 12.91 5.17
C LEU B 47 -24.86 12.06 5.06
N ARG B 48 -25.02 10.75 5.11
CA ARG B 48 -23.90 9.84 5.17
C ARG B 48 -23.99 8.87 3.99
N THR B 49 -23.41 9.25 2.86
CA THR B 49 -23.48 8.43 1.65
C THR B 49 -22.15 8.36 0.88
N PRO B 50 -21.82 7.19 0.31
CA PRO B 50 -20.61 7.09 -0.50
C PRO B 50 -20.87 7.45 -1.98
N ASP B 51 -22.11 7.78 -2.31
CA ASP B 51 -22.49 8.13 -3.68
C ASP B 51 -22.32 9.63 -3.91
N ALA B 52 -21.29 9.98 -4.69
CA ALA B 52 -20.99 11.38 -5.00
C ALA B 52 -22.18 12.08 -5.63
N GLU B 53 -22.90 11.37 -6.48
CA GLU B 53 -24.10 11.91 -7.12
C GLU B 53 -25.19 12.32 -6.12
N MET B 54 -25.28 11.60 -5.01
CA MET B 54 -26.28 11.88 -3.98
C MET B 54 -25.94 13.17 -3.22
N ILE B 55 -24.64 13.50 -3.18
CA ILE B 55 -24.16 14.72 -2.55
C ILE B 55 -24.45 15.93 -3.45
N VAL B 56 -24.07 15.84 -4.72
CA VAL B 56 -24.42 16.85 -5.74
C VAL B 56 -25.89 17.25 -5.69
N LYS B 57 -26.76 16.26 -5.50
CA LYS B 57 -28.20 16.46 -5.46
C LYS B 57 -28.63 17.13 -4.16
N ALA B 58 -28.06 16.68 -3.05
CA ALA B 58 -28.37 17.29 -1.76
C ALA B 58 -28.03 18.77 -1.76
N VAL B 59 -26.91 19.13 -2.43
CA VAL B 59 -26.50 20.54 -2.57
C VAL B 59 -27.51 21.35 -3.37
N ALA B 60 -27.92 20.81 -4.53
CA ALA B 60 -29.00 21.39 -5.34
C ALA B 60 -30.31 21.51 -4.56
N ARG B 61 -30.55 20.57 -3.64
CA ARG B 61 -31.77 20.57 -2.82
C ARG B 61 -31.80 21.75 -1.85
N VAL B 62 -30.65 22.06 -1.25
CA VAL B 62 -30.54 23.19 -0.33
C VAL B 62 -30.56 24.55 -1.06
N ALA B 63 -29.98 24.57 -2.27
CA ALA B 63 -29.97 25.78 -3.10
C ALA B 63 -31.37 26.23 -3.55
N GLU B 64 -32.29 25.27 -3.71
CA GLU B 64 -33.68 25.56 -4.12
C GLU B 64 -34.56 26.12 -3.00
N SER B 65 -34.34 25.66 -1.78
CA SER B 65 -35.24 25.94 -0.67
C SER B 65 -34.92 27.22 0.10
N GLY B 66 -35.56 28.32 -0.32
CA GLY B 66 -35.53 29.62 0.37
C GLY B 66 -34.20 30.12 0.90
N GLY B 67 -34.27 30.91 1.97
CA GLY B 67 -33.09 31.39 2.70
C GLY B 67 -32.21 30.24 3.13
N GLY B 68 -32.79 29.32 3.91
CA GLY B 68 -32.13 28.07 4.30
C GLY B 68 -30.99 28.26 5.26
N ARG B 69 -30.77 27.26 6.11
CA ARG B 69 -29.63 27.27 7.02
C ARG B 69 -28.46 26.54 6.38
N GLY B 70 -28.62 26.25 5.09
CA GLY B 70 -27.53 25.79 4.25
C GLY B 70 -26.91 24.46 4.63
N ALA B 71 -25.68 24.27 4.17
CA ALA B 71 -25.01 23.00 4.32
C ALA B 71 -23.52 23.15 4.60
N ILE B 72 -22.99 22.22 5.38
CA ILE B 72 -21.55 22.19 5.65
C ILE B 72 -21.04 20.76 5.61
N ALA B 73 -19.84 20.59 5.05
CA ALA B 73 -19.17 19.30 5.07
C ALA B 73 -18.63 19.00 6.46
N ARG B 74 -18.61 17.71 6.80
CA ARG B 74 -17.98 17.23 8.01
C ARG B 74 -16.98 16.11 7.66
N GLY B 75 -15.84 16.11 8.34
CA GLY B 75 -14.86 15.06 8.19
C GLY B 75 -14.98 14.11 9.37
N LEU B 76 -13.88 13.86 10.07
CA LEU B 76 -13.94 12.97 11.21
C LEU B 76 -14.30 13.66 12.54
N GLY B 77 -14.57 14.97 12.47
CA GLY B 77 -15.09 15.72 13.62
C GLY B 77 -14.02 16.03 14.65
N ARG B 78 -12.76 16.06 14.23
CA ARG B 78 -11.63 16.33 15.13
C ARG B 78 -11.43 17.81 15.46
N SER B 79 -11.98 18.69 14.63
CA SER B 79 -11.89 20.11 14.92
C SER B 79 -12.71 20.42 16.18
N TYR B 80 -12.05 21.00 17.19
CA TYR B 80 -12.69 21.45 18.44
C TYR B 80 -13.75 22.54 18.22
N GLY B 81 -13.60 23.29 17.12
CA GLY B 81 -14.48 24.39 16.79
C GLY B 81 -15.89 23.97 16.40
N ASP B 82 -16.68 24.96 16.00
CA ASP B 82 -18.04 24.75 15.54
C ASP B 82 -18.14 24.86 14.02
N ASN B 83 -17.00 24.70 13.34
CA ASN B 83 -16.94 24.78 11.89
C ASN B 83 -17.50 23.56 11.14
N ALA B 84 -17.73 22.44 11.84
CA ALA B 84 -18.31 21.23 11.23
C ALA B 84 -19.67 20.86 11.82
N GLN B 85 -20.39 21.86 12.31
CA GLN B 85 -21.77 21.70 12.71
C GLN B 85 -22.58 22.86 12.12
N ASN B 86 -23.85 22.61 11.82
CA ASN B 86 -24.67 23.61 11.14
C ASN B 86 -26.08 23.52 11.70
N GLY B 87 -26.24 23.98 12.93
CA GLY B 87 -27.52 23.96 13.64
C GLY B 87 -28.68 24.31 12.73
N GLY B 88 -29.71 23.46 12.74
CA GLY B 88 -30.91 23.68 11.94
C GLY B 88 -30.73 23.53 10.43
N GLY B 89 -29.56 23.05 10.02
CA GLY B 89 -29.28 22.88 8.60
C GLY B 89 -28.80 21.48 8.25
N LEU B 90 -28.32 21.32 7.02
CA LEU B 90 -27.78 20.06 6.57
C LEU B 90 -26.27 19.96 6.84
N VAL B 91 -25.84 18.81 7.35
CA VAL B 91 -24.41 18.50 7.52
C VAL B 91 -24.09 17.27 6.67
N ILE B 92 -23.07 17.37 5.83
CA ILE B 92 -22.72 16.25 4.96
C ILE B 92 -21.44 15.55 5.40
N ASP B 93 -21.61 14.35 5.97
CA ASP B 93 -20.48 13.55 6.43
C ASP B 93 -19.73 12.96 5.23
N MET B 94 -18.46 13.32 5.13
CA MET B 94 -17.61 12.94 3.99
C MET B 94 -16.82 11.62 4.12
N THR B 95 -16.88 10.96 5.27
CA THR B 95 -16.06 9.79 5.55
C THR B 95 -16.30 8.57 4.63
N PRO B 96 -17.54 8.38 4.13
CA PRO B 96 -17.73 7.29 3.16
C PRO B 96 -17.08 7.56 1.80
N LEU B 97 -16.75 8.81 1.47
CA LEU B 97 -15.97 9.07 0.26
C LEU B 97 -14.48 8.90 0.51
N ASN B 98 -14.03 7.65 0.51
CA ASN B 98 -12.71 7.30 1.04
C ASN B 98 -11.87 6.41 0.10
N THR B 99 -12.04 6.59 -1.21
CA THR B 99 -11.29 5.82 -2.17
C THR B 99 -9.98 6.51 -2.45
N ILE B 100 -8.89 5.75 -2.31
CA ILE B 100 -7.61 6.14 -2.86
C ILE B 100 -7.56 5.72 -4.35
N HIS B 101 -7.53 6.71 -5.24
CA HIS B 101 -7.63 6.43 -6.68
C HIS B 101 -6.33 6.02 -7.26
N SER B 102 -5.26 6.74 -6.91
CA SER B 102 -3.95 6.33 -7.37
C SER B 102 -2.84 6.94 -6.55
N ILE B 103 -1.72 6.25 -6.49
CA ILE B 103 -0.51 6.80 -5.90
C ILE B 103 0.59 6.56 -6.93
N ASP B 104 1.46 7.54 -7.14
CA ASP B 104 2.52 7.40 -8.14
C ASP B 104 3.85 7.84 -7.54
N ALA B 105 4.82 6.92 -7.48
CA ALA B 105 6.10 7.20 -6.85
C ALA B 105 7.03 8.09 -7.69
N ASP B 106 6.83 8.12 -9.01
CA ASP B 106 7.68 8.88 -9.91
C ASP B 106 7.31 10.38 -9.82
N THR B 107 6.04 10.70 -9.96
CA THR B 107 5.52 12.06 -9.79
C THR B 107 5.30 12.44 -8.31
N LYS B 108 5.20 11.44 -7.43
CA LYS B 108 4.97 11.68 -5.99
C LYS B 108 3.55 12.18 -5.71
N LEU B 109 2.65 12.00 -6.68
CA LEU B 109 1.29 12.48 -6.56
C LEU B 109 0.34 11.37 -6.11
N VAL B 110 -0.59 11.79 -5.27
CA VAL B 110 -1.51 10.92 -4.58
C VAL B 110 -2.87 11.49 -4.95
N ASP B 111 -3.81 10.66 -5.43
CA ASP B 111 -5.11 11.15 -5.89
C ASP B 111 -6.20 10.46 -5.09
N ILE B 112 -6.79 11.20 -4.16
CA ILE B 112 -7.71 10.59 -3.19
C ILE B 112 -9.01 11.38 -3.00
N ASP B 113 -10.08 10.68 -2.61
CA ASP B 113 -11.35 11.32 -2.26
C ASP B 113 -11.14 12.09 -0.95
N ALA B 114 -11.84 13.21 -0.81
CA ALA B 114 -11.71 14.06 0.38
C ALA B 114 -11.94 13.35 1.72
N GLY B 115 -12.61 12.21 1.68
CA GLY B 115 -12.95 11.47 2.87
C GLY B 115 -11.87 10.56 3.43
N VAL B 116 -10.78 10.35 2.68
CA VAL B 116 -9.70 9.48 3.20
C VAL B 116 -9.02 10.18 4.36
N ASN B 117 -8.66 9.40 5.37
CA ASN B 117 -7.96 9.95 6.52
C ASN B 117 -6.46 9.86 6.33
N LEU B 118 -5.70 10.63 7.10
CA LEU B 118 -4.26 10.69 6.89
C LEU B 118 -3.53 9.42 7.33
N ASP B 119 -4.19 8.63 8.18
CA ASP B 119 -3.63 7.37 8.66
C ASP B 119 -3.68 6.31 7.57
N GLN B 120 -4.83 6.25 6.92
CA GLN B 120 -5.09 5.37 5.80
C GLN B 120 -4.17 5.76 4.64
N LEU B 121 -3.95 7.06 4.45
CA LEU B 121 -3.13 7.54 3.39
C LEU B 121 -1.64 7.25 3.65
N MET B 122 -1.18 7.56 4.85
CA MET B 122 0.18 7.21 5.24
C MET B 122 0.47 5.69 5.02
N LYS B 123 -0.44 4.82 5.44
CA LYS B 123 -0.24 3.37 5.26
C LYS B 123 -0.24 2.98 3.79
N ALA B 124 -1.13 3.56 3.02
CA ALA B 124 -1.18 3.22 1.60
C ALA B 124 0.07 3.68 0.86
N ALA B 125 0.67 4.81 1.29
CA ALA B 125 1.74 5.44 0.50
C ALA B 125 3.16 5.08 0.86
N LEU B 126 3.37 4.56 2.08
CA LEU B 126 4.69 4.14 2.50
C LEU B 126 5.42 3.18 1.57
N PRO B 127 4.73 2.13 1.07
CA PRO B 127 5.42 1.20 0.16
C PRO B 127 5.87 1.82 -1.17
N PHE B 128 5.48 3.06 -1.44
CA PHE B 128 5.95 3.78 -2.64
C PHE B 128 7.12 4.71 -2.32
N GLY B 129 7.51 4.74 -1.05
CA GLY B 129 8.56 5.67 -0.59
C GLY B 129 8.04 7.09 -0.49
N LEU B 130 6.79 7.23 -0.05
CA LEU B 130 6.16 8.53 0.09
C LEU B 130 5.61 8.75 1.50
N TRP B 131 5.73 9.99 1.95
CA TRP B 131 5.39 10.40 3.30
C TRP B 131 4.43 11.55 3.23
N VAL B 132 3.37 11.50 4.05
CA VAL B 132 2.37 12.57 4.10
C VAL B 132 3.11 13.84 4.53
N PRO B 133 3.08 14.87 3.68
CA PRO B 133 4.01 16.00 3.87
C PRO B 133 3.79 16.82 5.14
N VAL B 134 2.57 16.79 5.68
CA VAL B 134 2.22 17.54 6.88
C VAL B 134 1.33 16.66 7.70
N LEU B 135 1.74 16.36 8.93
CA LEU B 135 0.91 15.55 9.83
C LEU B 135 0.62 16.35 11.11
N PRO B 136 -0.63 16.35 11.56
CA PRO B 136 -1.06 16.92 12.80
C PRO B 136 -0.84 15.93 13.96
N GLY B 137 -1.15 16.35 15.18
CA GLY B 137 -0.92 15.49 16.35
C GLY B 137 -1.91 14.35 16.55
N THR B 138 -2.81 14.13 15.59
CA THR B 138 -3.67 12.95 15.57
C THR B 138 -3.80 12.54 14.11
N ARG B 139 -4.07 11.27 13.85
CA ARG B 139 -4.07 10.79 12.46
C ARG B 139 -5.48 10.68 11.90
N GLN B 140 -6.45 10.70 12.81
CA GLN B 140 -7.85 10.63 12.42
C GLN B 140 -8.36 11.98 11.92
N VAL B 141 -7.75 12.48 10.85
CA VAL B 141 -8.30 13.65 10.15
C VAL B 141 -8.45 13.35 8.67
N THR B 142 -9.53 13.85 8.05
CA THR B 142 -9.73 13.61 6.62
C THR B 142 -8.90 14.58 5.80
N VAL B 143 -8.77 14.31 4.51
CA VAL B 143 -8.01 15.17 3.60
C VAL B 143 -8.75 16.51 3.44
N GLY B 144 -10.07 16.45 3.33
CA GLY B 144 -10.90 17.66 3.39
C GLY B 144 -10.73 18.52 4.66
N GLY B 145 -10.60 17.88 5.83
CA GLY B 145 -10.42 18.61 7.09
C GLY B 145 -9.07 19.29 7.12
N ALA B 146 -8.04 18.56 6.70
CA ALA B 146 -6.68 19.02 6.58
C ALA B 146 -6.53 20.24 5.68
N ILE B 147 -7.24 20.25 4.55
CA ILE B 147 -7.25 21.39 3.63
C ILE B 147 -8.08 22.57 4.17
N ALA B 148 -9.32 22.29 4.60
CA ALA B 148 -10.25 23.30 5.02
C ALA B 148 -9.77 24.07 6.27
N CYS B 149 -8.96 23.42 7.07
CA CYS B 149 -8.36 24.07 8.21
C CYS B 149 -6.89 24.36 7.99
N ASP B 150 -6.36 24.05 6.81
CA ASP B 150 -4.94 24.29 6.48
C ASP B 150 -4.04 23.86 7.64
N ILE B 151 -4.06 22.57 7.96
CA ILE B 151 -3.36 22.10 9.14
C ILE B 151 -1.84 22.24 9.05
N HIS B 152 -1.21 22.39 10.22
CA HIS B 152 0.25 22.46 10.37
C HIS B 152 0.78 21.32 11.21
N GLY B 153 2.07 21.05 11.07
CA GLY B 153 2.72 19.98 11.83
C GLY B 153 4.02 20.46 12.47
N LYS B 154 4.76 19.49 13.00
CA LYS B 154 6.06 19.68 13.63
C LYS B 154 7.13 20.12 12.63
N ASN B 155 6.82 19.99 11.35
CA ASN B 155 7.67 20.47 10.25
C ASN B 155 7.22 21.78 9.58
N HIS B 156 6.31 22.50 10.24
CA HIS B 156 5.87 23.75 9.61
C HIS B 156 6.96 24.67 9.11
N HIS B 157 7.99 24.89 9.93
CA HIS B 157 9.10 25.79 9.56
C HIS B 157 9.91 25.30 8.36
N SER B 158 9.85 24.00 8.05
CA SER B 158 10.53 23.49 6.83
C SER B 158 9.61 23.17 5.65
N ALA B 159 8.35 22.87 5.92
CA ALA B 159 7.42 22.35 4.88
C ALA B 159 6.13 23.17 4.66
N GLY B 160 5.93 24.19 5.47
CA GLY B 160 4.68 24.97 5.41
C GLY B 160 3.51 24.16 5.95
N SER B 161 2.29 24.56 5.59
CA SER B 161 1.10 23.84 6.06
C SER B 161 0.52 22.94 4.97
N PHE B 162 -0.60 22.28 5.26
CA PHE B 162 -1.13 21.25 4.37
C PHE B 162 -1.45 21.78 2.99
N GLY B 163 -1.97 23.00 2.94
CA GLY B 163 -2.30 23.65 1.70
C GLY B 163 -1.13 23.79 0.74
N ASN B 164 0.07 24.04 1.25
CA ASN B 164 1.29 24.20 0.41
C ASN B 164 1.53 22.99 -0.50
N HIS B 165 0.97 21.82 -0.14
CA HIS B 165 1.25 20.53 -0.80
C HIS B 165 0.15 20.02 -1.68
N VAL B 166 -0.91 20.81 -1.81
CA VAL B 166 -2.05 20.36 -2.59
C VAL B 166 -1.88 20.85 -4.00
N ARG B 167 -1.95 19.94 -4.97
CA ARG B 167 -1.67 20.33 -6.36
C ARG B 167 -2.95 20.58 -7.16
N SER B 168 -4.05 20.02 -6.69
CA SER B 168 -5.35 20.19 -7.31
C SER B 168 -6.41 19.73 -6.34
N MET B 169 -7.63 20.25 -6.52
CA MET B 169 -8.80 19.71 -5.81
C MET B 169 -10.08 19.85 -6.62
N ASP B 170 -11.05 18.99 -6.35
CA ASP B 170 -12.34 19.02 -7.02
C ASP B 170 -13.36 19.58 -6.03
N LEU B 171 -13.86 20.79 -6.31
CA LEU B 171 -14.80 21.46 -5.43
C LEU B 171 -16.21 21.49 -6.00
N LEU B 172 -17.14 20.88 -5.26
CA LEU B 172 -18.55 21.00 -5.60
C LEU B 172 -19.02 22.36 -5.08
N THR B 173 -19.28 23.29 -5.99
CA THR B 173 -19.76 24.61 -5.61
C THR B 173 -21.29 24.66 -5.54
N ALA B 174 -21.80 25.79 -5.06
CA ALA B 174 -23.21 26.00 -4.79
C ALA B 174 -24.13 25.77 -5.99
N ASP B 175 -23.61 25.97 -7.20
CA ASP B 175 -24.41 25.82 -8.42
C ASP B 175 -24.52 24.36 -8.94
N GLY B 176 -23.75 23.47 -8.33
CA GLY B 176 -23.84 22.04 -8.62
C GLY B 176 -22.71 21.57 -9.51
N GLU B 177 -21.77 22.47 -9.76
CA GLU B 177 -20.70 22.27 -10.69
C GLU B 177 -19.39 21.93 -9.95
N ILE B 178 -18.80 20.80 -10.32
CA ILE B 178 -17.50 20.36 -9.80
C ILE B 178 -16.39 21.15 -10.53
N ARG B 179 -15.81 22.13 -9.83
CA ARG B 179 -14.69 22.92 -10.34
C ARG B 179 -13.34 22.31 -10.01
N HIS B 180 -12.45 22.30 -11.00
CA HIS B 180 -11.10 21.78 -10.85
C HIS B 180 -10.20 22.94 -10.51
N LEU B 181 -9.66 22.94 -9.29
CA LEU B 181 -8.88 24.06 -8.79
C LEU B 181 -7.39 23.73 -8.73
N THR B 182 -6.54 24.69 -9.08
CA THR B 182 -5.09 24.55 -8.92
C THR B 182 -4.44 25.76 -8.20
N PRO B 183 -3.29 25.55 -7.53
CA PRO B 183 -2.71 26.69 -6.83
C PRO B 183 -2.18 27.83 -7.72
N THR B 184 -2.08 27.59 -9.03
CA THR B 184 -1.58 28.58 -10.01
C THR B 184 -2.51 28.64 -11.22
N GLY B 185 -2.40 29.68 -12.03
CA GLY B 185 -3.36 29.91 -13.11
C GLY B 185 -4.76 30.27 -12.63
N GLU B 186 -5.58 30.82 -13.55
CA GLU B 186 -6.98 31.19 -13.26
C GLU B 186 -7.60 30.22 -12.26
N ASP B 187 -8.51 30.72 -11.41
CA ASP B 187 -9.05 29.93 -10.31
C ASP B 187 -8.10 29.74 -9.13
N ALA B 188 -6.91 30.36 -9.17
CA ALA B 188 -5.98 30.29 -8.03
C ALA B 188 -6.59 30.93 -6.79
N GLU B 189 -7.34 32.00 -7.01
CA GLU B 189 -7.97 32.75 -5.93
C GLU B 189 -8.95 31.87 -5.16
N LEU B 190 -9.77 31.13 -5.91
CA LEU B 190 -10.74 30.23 -5.31
C LEU B 190 -10.03 29.01 -4.64
N PHE B 191 -8.96 28.54 -5.25
CA PHE B 191 -8.13 27.53 -4.63
C PHE B 191 -7.67 28.03 -3.29
N TRP B 192 -7.08 29.21 -3.26
CA TRP B 192 -6.46 29.70 -2.02
C TRP B 192 -7.46 30.18 -0.99
N ALA B 193 -8.69 30.45 -1.41
CA ALA B 193 -9.81 30.66 -0.49
C ALA B 193 -10.33 29.35 0.13
N THR B 194 -10.13 28.24 -0.58
CA THR B 194 -10.60 26.96 -0.10
C THR B 194 -9.65 26.36 0.94
N VAL B 195 -8.36 26.60 0.76
CA VAL B 195 -7.38 26.23 1.77
C VAL B 195 -7.73 27.11 2.95
N GLY B 196 -7.88 26.53 4.15
CA GLY B 196 -8.19 27.33 5.33
C GLY B 196 -9.59 27.90 5.31
N GLY B 197 -10.37 27.51 4.31
CA GLY B 197 -11.70 28.05 4.13
C GLY B 197 -12.81 27.51 5.02
N ASN B 198 -12.48 26.58 5.91
CA ASN B 198 -13.46 25.96 6.81
C ASN B 198 -14.73 25.44 6.10
N GLY B 199 -14.58 24.94 4.87
CA GLY B 199 -15.69 24.37 4.10
C GLY B 199 -16.64 25.36 3.45
N LEU B 200 -16.38 26.66 3.60
CA LEU B 200 -17.33 27.68 3.18
C LEU B 200 -17.22 28.11 1.72
N THR B 201 -16.40 27.42 0.94
CA THR B 201 -16.38 27.63 -0.51
C THR B 201 -17.14 26.53 -1.24
N GLY B 202 -17.38 25.43 -0.55
CA GLY B 202 -18.16 24.32 -1.13
C GLY B 202 -17.58 23.02 -0.63
N ILE B 203 -17.95 21.92 -1.26
CA ILE B 203 -17.49 20.62 -0.79
C ILE B 203 -16.31 20.09 -1.60
N ILE B 204 -15.20 19.85 -0.91
CA ILE B 204 -14.03 19.24 -1.53
C ILE B 204 -14.33 17.75 -1.68
N MET B 205 -14.41 17.29 -2.93
CA MET B 205 -14.78 15.93 -3.20
C MET B 205 -13.52 15.09 -3.37
N ARG B 206 -12.48 15.71 -3.91
CA ARG B 206 -11.33 14.96 -4.39
C ARG B 206 -10.11 15.87 -4.45
N ALA B 207 -8.94 15.32 -4.26
CA ALA B 207 -7.76 16.16 -4.28
C ALA B 207 -6.53 15.40 -4.71
N THR B 208 -5.51 16.16 -5.15
CA THR B 208 -4.21 15.62 -5.52
C THR B 208 -3.17 16.27 -4.61
N ILE B 209 -2.40 15.46 -3.89
CA ILE B 209 -1.40 15.96 -2.95
C ILE B 209 -0.02 15.55 -3.46
N GLU B 210 0.95 16.45 -3.41
CA GLU B 210 2.32 16.02 -3.63
C GLU B 210 2.93 15.52 -2.33
N MET B 211 3.35 14.27 -2.32
CA MET B 211 3.90 13.64 -1.12
C MET B 211 5.39 13.96 -1.01
N THR B 212 5.99 13.72 0.16
CA THR B 212 7.44 13.88 0.38
C THR B 212 8.12 12.51 0.22
N PRO B 213 9.20 12.43 -0.58
CA PRO B 213 9.89 11.13 -0.77
C PRO B 213 10.67 10.72 0.51
N THR B 214 10.64 9.43 0.83
CA THR B 214 11.37 8.93 2.00
C THR B 214 11.85 7.54 1.69
N SER B 215 13.00 7.16 2.23
CA SER B 215 13.47 5.78 2.10
C SER B 215 13.18 4.91 3.33
N THR B 216 12.54 5.52 4.35
CA THR B 216 12.16 4.80 5.57
C THR B 216 10.93 5.40 6.24
N ALA B 217 10.31 4.62 7.13
CA ALA B 217 9.27 5.14 8.03
C ALA B 217 9.82 5.63 9.39
N TYR B 218 11.11 5.91 9.48
CA TYR B 218 11.71 6.27 10.77
C TYR B 218 12.29 7.66 10.84
N PHE B 219 12.41 8.18 12.07
CA PHE B 219 13.06 9.44 12.35
C PHE B 219 14.38 9.21 13.03
N ILE B 220 15.35 10.07 12.75
CA ILE B 220 16.56 10.19 13.56
C ILE B 220 16.41 11.48 14.39
N ALA B 221 16.43 11.34 15.70
CA ALA B 221 16.02 12.42 16.59
C ALA B 221 17.14 12.92 17.51
N ASP B 222 17.16 14.23 17.74
CA ASP B 222 18.05 14.87 18.73
C ASP B 222 17.21 15.51 19.83
N GLY B 223 17.53 15.22 21.09
CA GLY B 223 16.77 15.80 22.19
C GLY B 223 17.58 16.83 22.94
N ASP B 224 16.94 17.92 23.35
CA ASP B 224 17.62 18.94 24.13
C ASP B 224 16.73 19.41 25.25
N VAL B 225 17.35 19.96 26.27
CA VAL B 225 16.64 20.49 27.40
C VAL B 225 17.10 21.91 27.60
N THR B 226 16.20 22.79 27.98
CA THR B 226 16.55 24.15 28.41
C THR B 226 16.09 24.38 29.83
N ALA B 227 16.67 25.38 30.51
CA ALA B 227 16.38 25.65 31.92
C ALA B 227 15.43 26.82 32.15
N SER B 228 15.12 27.55 31.09
CA SER B 228 14.33 28.78 31.19
C SER B 228 13.75 29.18 29.87
N LEU B 229 12.73 30.02 29.92
CA LEU B 229 12.10 30.56 28.73
C LEU B 229 13.09 31.26 27.79
N ASP B 230 13.96 32.09 28.36
CA ASP B 230 15.01 32.79 27.62
C ASP B 230 15.88 31.82 26.84
N GLU B 231 16.23 30.70 27.48
CA GLU B 231 17.07 29.69 26.87
C GLU B 231 16.31 28.93 25.77
N THR B 232 15.02 28.69 26.01
CA THR B 232 14.15 28.04 25.04
C THR B 232 14.09 28.89 23.76
N ILE B 233 14.01 30.20 23.94
CA ILE B 233 13.99 31.15 22.81
C ILE B 233 15.34 31.19 22.08
N ALA B 234 16.42 31.30 22.83
CA ALA B 234 17.79 31.28 22.30
C ALA B 234 18.09 30.05 21.42
N LEU B 235 17.63 28.88 21.85
CA LEU B 235 17.83 27.62 21.09
C LEU B 235 17.11 27.62 19.72
N HIS B 236 16.02 28.36 19.63
CA HIS B 236 15.23 28.41 18.41
C HIS B 236 15.70 29.51 17.50
N SER B 237 16.45 30.45 18.07
CA SER B 237 16.96 31.63 17.39
C SER B 237 18.46 31.57 17.15
N ASP B 238 19.06 30.38 17.25
CA ASP B 238 20.51 30.30 17.08
C ASP B 238 20.93 29.70 15.74
N GLY B 239 19.96 29.41 14.88
CA GLY B 239 20.26 28.81 13.59
C GLY B 239 20.05 27.31 13.52
N SER B 240 20.00 26.64 14.67
CA SER B 240 19.83 25.17 14.72
C SER B 240 18.53 24.61 14.12
N GLU B 241 17.45 25.40 14.12
CA GLU B 241 16.20 24.97 13.48
C GLU B 241 16.41 24.60 12.00
N ALA B 242 17.30 25.32 11.31
CA ALA B 242 17.66 25.02 9.91
C ALA B 242 18.19 23.58 9.66
N ARG B 243 18.68 22.92 10.71
CA ARG B 243 19.21 21.54 10.59
C ARG B 243 18.18 20.42 10.76
N TYR B 244 16.95 20.76 11.12
CA TYR B 244 15.94 19.75 11.39
C TYR B 244 14.68 20.07 10.61
N THR B 245 14.18 19.08 9.91
CA THR B 245 12.90 19.25 9.22
C THR B 245 11.73 19.27 10.22
N TYR B 246 11.90 18.60 11.36
CA TYR B 246 10.84 18.48 12.35
C TYR B 246 11.30 18.98 13.70
N SER B 247 10.49 19.83 14.35
CA SER B 247 10.84 20.46 15.63
C SER B 247 9.62 20.90 16.43
N SER B 248 9.59 20.51 17.69
CA SER B 248 8.61 20.98 18.66
C SER B 248 9.15 20.75 20.05
N ALA B 249 8.49 21.29 21.06
CA ALA B 249 8.95 21.13 22.44
C ALA B 249 7.74 20.95 23.34
N TRP B 250 7.92 20.21 24.44
CA TRP B 250 7.05 20.34 25.59
C TRP B 250 7.62 21.47 26.41
N PHE B 251 6.79 22.33 26.97
CA PHE B 251 7.33 23.35 27.88
C PHE B 251 6.51 23.55 29.13
N ASP B 252 7.21 24.01 30.17
CA ASP B 252 6.63 24.26 31.50
C ASP B 252 5.90 25.60 31.52
N ALA B 253 4.60 25.55 31.82
CA ALA B 253 3.77 26.74 31.94
C ALA B 253 3.31 26.96 33.38
N ILE B 254 3.92 26.24 34.33
CA ILE B 254 3.48 26.21 35.73
C ILE B 254 4.55 26.68 36.75
N SER B 255 5.83 26.54 36.42
CA SER B 255 6.89 27.01 37.32
C SER B 255 6.98 28.54 37.35
N ALA B 256 7.42 29.07 38.49
CA ALA B 256 7.79 30.48 38.60
C ALA B 256 8.99 30.76 37.68
N PRO B 257 9.23 32.04 37.33
CA PRO B 257 10.47 32.33 36.61
C PRO B 257 11.62 32.33 37.61
N PRO B 258 12.84 31.94 37.17
CA PRO B 258 13.25 31.67 35.77
C PRO B 258 12.95 30.27 35.19
N LYS B 259 12.43 29.34 36.01
CA LYS B 259 12.14 27.99 35.55
C LYS B 259 11.01 28.01 34.53
N LEU B 260 10.13 28.99 34.65
CA LEU B 260 9.06 29.19 33.70
C LEU B 260 9.55 29.12 32.25
N GLY B 261 8.92 28.27 31.45
CA GLY B 261 9.22 28.23 30.03
C GLY B 261 10.38 27.34 29.65
N ARG B 262 10.99 26.66 30.63
CA ARG B 262 11.95 25.59 30.34
C ARG B 262 11.28 24.54 29.46
N ALA B 263 12.06 23.90 28.60
CA ALA B 263 11.49 23.00 27.59
C ALA B 263 12.30 21.73 27.33
N ALA B 264 11.58 20.66 26.99
CA ALA B 264 12.16 19.44 26.44
C ALA B 264 11.95 19.53 24.95
N VAL B 265 13.03 19.79 24.21
CA VAL B 265 12.95 20.05 22.79
C VAL B 265 13.26 18.77 22.05
N SER B 266 12.42 18.44 21.09
CA SER B 266 12.63 17.21 20.32
C SER B 266 12.61 17.51 18.83
N ARG B 267 13.73 17.24 18.16
CA ARG B 267 13.90 17.59 16.76
C ARG B 267 14.51 16.43 15.97
N GLY B 268 14.17 16.37 14.69
CA GLY B 268 14.71 15.36 13.83
C GLY B 268 14.31 15.49 12.38
N ARG B 269 14.26 14.35 11.71
CA ARG B 269 14.45 14.26 10.29
C ARG B 269 14.12 12.81 9.95
N LEU B 270 13.55 12.59 8.78
CA LEU B 270 13.36 11.22 8.30
C LEU B 270 14.69 10.51 8.08
N ALA B 271 14.79 9.27 8.54
CA ALA B 271 16.02 8.49 8.38
C ALA B 271 16.15 7.94 6.96
N THR B 272 17.40 7.74 6.55
CA THR B 272 17.72 7.08 5.28
C THR B 272 18.02 5.64 5.68
N VAL B 273 17.93 4.70 4.73
CA VAL B 273 18.15 3.28 5.05
C VAL B 273 19.50 3.05 5.76
N GLU B 274 20.55 3.76 5.35
CA GLU B 274 21.88 3.53 5.91
C GLU B 274 22.09 4.16 7.31
N GLN B 275 21.01 4.61 7.95
CA GLN B 275 21.08 5.09 9.34
C GLN B 275 20.36 4.16 10.30
N LEU B 276 19.60 3.22 9.73
CA LEU B 276 18.89 2.21 10.48
C LEU B 276 19.84 1.11 10.97
N PRO B 277 19.54 0.51 12.12
CA PRO B 277 20.25 -0.71 12.49
C PRO B 277 19.83 -1.84 11.57
N ALA B 278 20.72 -2.82 11.42
CA ALA B 278 20.52 -3.94 10.49
C ALA B 278 19.12 -4.56 10.53
N LYS B 279 18.64 -4.86 11.74
CA LYS B 279 17.35 -5.55 11.91
C LYS B 279 16.23 -4.82 11.19
N LEU B 280 16.38 -3.51 11.02
CA LEU B 280 15.36 -2.69 10.37
C LEU B 280 15.51 -2.54 8.85
N ARG B 281 16.71 -2.79 8.33
CA ARG B 281 17.00 -2.53 6.91
C ARG B 281 16.22 -3.34 5.88
N SER B 282 15.45 -4.34 6.32
CA SER B 282 14.70 -5.20 5.37
C SER B 282 13.22 -4.82 5.19
N GLU B 283 12.69 -4.00 6.09
CA GLU B 283 11.42 -3.33 5.88
C GLU B 283 11.55 -1.91 6.40
N PRO B 284 12.35 -1.08 5.69
CA PRO B 284 12.67 0.28 6.11
C PRO B 284 11.41 1.11 6.17
N LEU B 285 10.40 0.67 5.42
CA LEU B 285 9.20 1.42 5.21
C LEU B 285 8.02 0.74 5.91
N LYS B 286 8.32 -0.03 6.95
CA LYS B 286 7.30 -0.72 7.77
C LYS B 286 6.34 0.25 8.45
N PHE B 287 5.05 0.06 8.21
CA PHE B 287 4.01 0.94 8.76
C PHE B 287 3.89 0.86 10.27
N ASP B 288 3.50 2.00 10.86
CA ASP B 288 3.16 2.16 12.30
C ASP B 288 3.97 3.34 12.85
N GLY B 313 23.93 19.40 39.57
CA GLY B 313 22.54 19.79 39.79
C GLY B 313 21.86 20.10 38.46
N GLU B 314 22.05 21.32 37.96
CA GLU B 314 21.58 21.74 36.65
C GLU B 314 22.28 20.89 35.58
N LEU B 315 23.51 20.49 35.90
CA LEU B 315 24.33 19.58 35.09
C LEU B 315 23.55 18.31 34.71
N TRP B 316 23.12 17.58 35.74
CA TRP B 316 22.38 16.33 35.56
C TRP B 316 21.10 16.51 34.76
N TYR B 317 20.29 17.50 35.15
CA TYR B 317 18.99 17.76 34.51
C TYR B 317 19.04 17.80 32.97
N ARG B 318 20.14 18.33 32.41
CA ARG B 318 20.35 18.42 30.96
C ARG B 318 20.61 17.05 30.33
N LYS B 319 21.72 16.42 30.70
CA LYS B 319 22.12 15.09 30.23
C LYS B 319 20.95 14.10 30.21
N SER B 320 20.14 14.16 31.26
CA SER B 320 18.92 13.36 31.39
C SER B 320 18.01 13.41 30.16
N GLY B 321 17.57 14.62 29.78
CA GLY B 321 16.68 14.79 28.62
C GLY B 321 17.39 15.04 27.29
N THR B 322 18.72 14.81 27.28
CA THR B 322 19.55 15.06 26.10
C THR B 322 19.93 13.73 25.44
N TYR B 323 19.79 13.69 24.12
CA TYR B 323 20.21 12.55 23.31
C TYR B 323 20.48 13.04 21.88
N ARG B 324 21.32 12.30 21.18
CA ARG B 324 21.69 12.62 19.81
C ARG B 324 21.50 11.37 18.98
N GLY B 325 20.83 11.52 17.83
CA GLY B 325 20.67 10.42 16.89
C GLY B 325 19.90 9.19 17.33
N LYS B 326 18.84 9.37 18.14
CA LYS B 326 17.94 8.29 18.51
C LYS B 326 17.03 7.92 17.33
N VAL B 327 16.86 6.62 17.11
CA VAL B 327 16.02 6.16 16.02
C VAL B 327 14.64 5.81 16.55
N GLN B 328 13.61 6.42 15.97
CA GLN B 328 12.26 6.33 16.48
C GLN B 328 11.25 6.17 15.38
N ASN B 329 10.27 5.30 15.58
CA ASN B 329 9.14 5.21 14.65
C ASN B 329 8.22 6.40 14.86
N LEU B 330 7.19 6.51 14.01
CA LEU B 330 6.25 7.62 14.09
C LEU B 330 5.66 7.87 15.50
N THR B 331 5.16 6.80 16.15
CA THR B 331 4.58 6.89 17.50
C THR B 331 5.52 7.57 18.51
N GLN B 332 6.76 7.09 18.60
CA GLN B 332 7.72 7.55 19.62
C GLN B 332 8.05 9.00 19.35
N PHE B 333 8.31 9.28 18.08
CA PHE B 333 8.74 10.63 17.71
C PHE B 333 7.63 11.68 17.71
N TYR B 334 6.48 11.33 17.15
CA TYR B 334 5.24 12.14 17.21
C TYR B 334 4.44 11.70 18.47
N HIS B 335 4.99 12.01 19.65
CA HIS B 335 4.53 11.48 20.97
C HIS B 335 3.33 10.56 20.94
N GLY B 351 -13.14 17.62 29.90
CA GLY B 351 -13.14 18.64 30.96
C GLY B 351 -11.97 19.60 30.83
N PHE B 352 -11.58 19.85 29.58
CA PHE B 352 -10.42 20.70 29.22
C PHE B 352 -10.74 21.71 28.13
N LEU B 353 -10.09 22.88 28.18
CA LEU B 353 -10.20 23.88 27.12
C LEU B 353 -8.88 24.06 26.37
N GLN B 354 -8.90 23.67 25.10
CA GLN B 354 -7.72 23.73 24.27
C GLN B 354 -7.58 25.17 23.76
N TYR B 355 -6.37 25.71 23.91
CA TYR B 355 -6.10 27.10 23.55
C TYR B 355 -4.80 27.19 22.76
N GLN B 356 -4.86 27.85 21.61
CA GLN B 356 -3.68 27.97 20.77
C GLN B 356 -3.60 29.36 20.21
N PHE B 357 -2.39 29.91 20.17
CA PHE B 357 -2.12 31.16 19.49
C PHE B 357 -0.69 31.18 18.97
N VAL B 358 -0.44 32.15 18.09
CA VAL B 358 0.90 32.43 17.58
C VAL B 358 1.18 33.92 17.71
N ILE B 359 2.36 34.27 18.22
CA ILE B 359 2.79 35.65 18.30
C ILE B 359 3.85 35.80 17.21
N PRO B 360 3.81 36.90 16.42
CA PRO B 360 4.80 37.11 15.34
C PRO B 360 6.22 37.12 15.89
N THR B 361 7.17 36.62 15.10
CA THR B 361 8.54 36.41 15.59
C THR B 361 9.14 37.59 16.34
N GLU B 362 8.98 38.80 15.82
CA GLU B 362 9.69 39.94 16.40
C GLU B 362 9.08 40.43 17.72
N ALA B 363 7.81 40.08 17.96
CA ALA B 363 7.17 40.41 19.24
C ALA B 363 7.51 39.38 20.33
N VAL B 364 8.79 39.00 20.41
CA VAL B 364 9.25 38.01 21.38
C VAL B 364 9.06 38.45 22.84
N ASP B 365 9.35 39.72 23.14
CA ASP B 365 9.13 40.28 24.49
C ASP B 365 7.68 40.20 24.92
N GLU B 366 6.78 40.37 23.97
CA GLU B 366 5.36 40.21 24.25
C GLU B 366 4.94 38.75 24.42
N PHE B 367 5.63 37.86 23.73
CA PHE B 367 5.40 36.44 23.90
C PHE B 367 5.67 36.03 25.34
N LYS B 368 6.79 36.50 25.89
CA LYS B 368 7.22 36.13 27.25
C LYS B 368 6.27 36.66 28.31
N LYS B 369 5.79 37.89 28.10
CA LYS B 369 4.82 38.50 29.01
C LYS B 369 3.55 37.65 29.07
N ILE B 370 3.09 37.18 27.91
CA ILE B 370 1.90 36.33 27.84
C ILE B 370 2.10 34.99 28.54
N ILE B 371 3.26 34.36 28.33
CA ILE B 371 3.59 33.14 29.03
C ILE B 371 3.60 33.39 30.53
N GLY B 372 4.15 34.55 30.92
CA GLY B 372 4.19 34.95 32.32
C GLY B 372 2.83 35.15 32.94
N VAL B 373 1.88 35.64 32.13
CA VAL B 373 0.50 35.85 32.58
C VAL B 373 -0.17 34.50 32.78
N ILE B 374 0.05 33.59 31.86
CA ILE B 374 -0.50 32.24 31.95
C ILE B 374 -0.14 31.59 33.29
N GLN B 375 1.16 31.50 33.61
CA GLN B 375 1.54 30.87 34.87
C GLN B 375 0.97 31.58 36.11
N ALA B 376 0.98 32.91 36.11
CA ALA B 376 0.56 33.67 37.30
C ALA B 376 -0.95 33.63 37.50
N SER B 377 -1.68 33.18 36.47
CA SER B 377 -3.15 33.12 36.47
C SER B 377 -3.80 32.11 37.42
N GLY B 378 -3.09 31.02 37.73
CA GLY B 378 -3.63 29.98 38.59
C GLY B 378 -4.31 28.88 37.78
N HIS B 379 -4.28 29.01 36.46
CA HIS B 379 -4.86 28.01 35.59
C HIS B 379 -3.75 27.14 35.08
N TYR B 380 -3.56 26.02 35.78
CA TYR B 380 -2.42 25.15 35.57
C TYR B 380 -2.59 24.28 34.33
N SER B 381 -1.59 24.28 33.45
CA SER B 381 -1.63 23.44 32.28
C SER B 381 -0.38 22.57 32.15
N PHE B 382 -0.63 21.26 32.00
CA PHE B 382 0.41 20.23 31.96
C PHE B 382 0.85 19.93 30.50
N LEU B 383 -0.12 19.74 29.60
CA LEU B 383 0.20 19.44 28.20
C LEU B 383 0.37 20.71 27.37
N ASN B 384 1.63 21.12 27.18
CA ASN B 384 1.93 22.33 26.41
C ASN B 384 2.91 22.05 25.28
N VAL B 385 2.55 22.42 24.05
CA VAL B 385 3.46 22.30 22.93
C VAL B 385 3.91 23.67 22.46
N PHE B 386 5.20 23.81 22.20
CA PHE B 386 5.79 25.04 21.72
C PHE B 386 6.50 24.78 20.42
N LYS B 387 6.39 25.73 19.49
CA LYS B 387 7.09 25.60 18.25
C LYS B 387 7.31 26.96 17.63
N LEU B 388 8.40 27.10 16.87
CA LEU B 388 8.59 28.25 16.03
C LEU B 388 8.01 27.93 14.63
N PHE B 389 6.94 28.65 14.23
CA PHE B 389 6.39 28.58 12.83
C PHE B 389 7.32 29.26 11.81
N GLY B 390 7.37 28.72 10.59
CA GLY B 390 8.09 29.35 9.46
C GLY B 390 7.18 30.21 8.57
N PRO B 391 7.65 30.61 7.36
CA PRO B 391 6.89 31.52 6.47
C PRO B 391 5.47 31.07 6.19
N ARG B 392 4.58 32.02 6.02
CA ARG B 392 3.17 31.72 5.78
C ARG B 392 2.92 31.34 4.33
N ASN B 393 1.72 30.88 4.00
CA ASN B 393 1.37 30.64 2.58
C ASN B 393 0.38 31.71 2.07
N GLN B 394 -0.11 31.56 0.84
CA GLN B 394 -0.98 32.61 0.28
C GLN B 394 -2.48 32.52 0.60
N ALA B 395 -2.86 31.72 1.60
CA ALA B 395 -4.29 31.52 1.91
C ALA B 395 -4.81 32.57 2.87
N PRO B 396 -5.78 33.38 2.43
CA PRO B 396 -6.24 34.47 3.28
C PRO B 396 -6.54 34.09 4.74
N LEU B 397 -7.09 32.90 5.03
CA LEU B 397 -7.43 32.58 6.42
C LEU B 397 -6.54 31.52 7.07
N SER B 398 -5.41 31.22 6.44
CA SER B 398 -4.46 30.28 7.00
C SER B 398 -4.00 30.74 8.37
N PHE B 399 -3.99 29.84 9.34
CA PHE B 399 -3.60 30.21 10.69
C PHE B 399 -2.11 30.58 10.81
N PRO B 400 -1.18 29.72 10.34
CA PRO B 400 0.21 29.99 10.70
C PRO B 400 0.82 31.23 10.06
N ILE B 401 1.59 31.97 10.87
CA ILE B 401 2.49 33.02 10.44
C ILE B 401 3.84 32.80 11.16
N PRO B 402 4.93 33.41 10.66
CA PRO B 402 6.19 33.11 11.34
C PRO B 402 6.21 33.64 12.77
N GLY B 403 6.65 32.81 13.72
CA GLY B 403 6.71 33.21 15.12
C GLY B 403 6.26 32.16 16.13
N TRP B 404 6.01 32.62 17.35
CA TRP B 404 5.93 31.73 18.51
C TRP B 404 4.58 31.14 18.67
N ASN B 405 4.49 29.83 18.42
CA ASN B 405 3.24 29.11 18.57
C ASN B 405 3.21 28.26 19.83
N ILE B 406 2.08 28.33 20.55
CA ILE B 406 1.94 27.53 21.75
C ILE B 406 0.53 26.95 21.89
N CYS B 407 0.44 25.65 22.19
CA CYS B 407 -0.84 25.03 22.53
C CYS B 407 -0.86 24.72 23.98
N VAL B 408 -1.96 25.09 24.64
CA VAL B 408 -2.16 24.81 26.06
C VAL B 408 -3.50 24.12 26.24
N ASP B 409 -3.63 23.39 27.34
CA ASP B 409 -4.80 22.58 27.65
C ASP B 409 -5.26 22.93 29.07
N PHE B 410 -6.21 23.85 29.18
CA PHE B 410 -6.66 24.29 30.48
C PHE B 410 -7.79 23.43 31.04
N PRO B 411 -7.69 23.05 32.33
CA PRO B 411 -8.83 22.38 32.90
C PRO B 411 -9.93 23.37 33.18
N ILE B 412 -11.14 23.00 32.73
CA ILE B 412 -12.34 23.76 33.05
C ILE B 412 -12.40 23.97 34.56
N LYS B 413 -12.46 25.24 34.96
CA LYS B 413 -12.23 25.71 36.32
C LYS B 413 -12.90 27.09 36.41
N ASP B 414 -13.16 27.58 37.62
CA ASP B 414 -13.91 28.84 37.81
C ASP B 414 -13.11 30.09 37.44
N GLY B 415 -13.68 30.88 36.54
CA GLY B 415 -13.04 32.09 36.03
C GLY B 415 -12.11 31.84 34.86
N LEU B 416 -12.19 30.63 34.28
CA LEU B 416 -11.40 30.29 33.09
C LEU B 416 -11.95 31.07 31.90
N GLY B 417 -13.28 31.13 31.81
CA GLY B 417 -13.96 31.84 30.73
C GLY B 417 -13.53 33.29 30.72
N LYS B 418 -13.57 33.92 31.89
CA LYS B 418 -13.12 35.30 32.04
C LYS B 418 -11.64 35.38 31.61
N PHE B 419 -10.81 34.49 32.17
CA PHE B 419 -9.39 34.57 31.93
C PHE B 419 -8.98 34.42 30.46
N VAL B 420 -9.66 33.53 29.72
CA VAL B 420 -9.33 33.31 28.33
C VAL B 420 -9.70 34.49 27.44
N SER B 421 -10.77 35.19 27.80
CA SER B 421 -11.15 36.45 27.15
C SER B 421 -10.02 37.47 27.26
N GLU B 422 -9.44 37.59 28.46
CA GLU B 422 -8.33 38.51 28.71
C GLU B 422 -7.10 38.12 27.91
N LEU B 423 -6.86 36.80 27.80
CA LEU B 423 -5.76 36.28 27.02
C LEU B 423 -5.93 36.59 25.53
N ASP B 424 -7.13 36.34 25.01
CA ASP B 424 -7.51 36.71 23.64
C ASP B 424 -7.08 38.13 23.30
N ARG B 425 -7.37 39.05 24.22
CA ARG B 425 -7.14 40.47 24.00
C ARG B 425 -5.66 40.85 24.09
N ARG B 426 -4.87 40.07 24.82
CA ARG B 426 -3.43 40.31 24.81
C ARG B 426 -2.90 39.83 23.50
N VAL B 427 -3.34 38.64 23.10
CA VAL B 427 -2.90 38.04 21.85
C VAL B 427 -3.27 38.96 20.69
N LEU B 428 -4.46 39.57 20.78
CA LEU B 428 -4.90 40.50 19.76
C LEU B 428 -4.07 41.78 19.83
N GLU B 429 -3.93 42.33 21.02
CA GLU B 429 -3.10 43.51 21.21
C GLU B 429 -1.77 43.34 20.50
N PHE B 430 -1.14 42.18 20.65
CA PHE B 430 0.25 42.09 20.22
C PHE B 430 0.48 41.52 18.84
N GLY B 431 -0.58 41.47 18.04
CA GLY B 431 -0.48 41.12 16.64
C GLY B 431 -0.51 39.65 16.34
N GLY B 432 -0.79 38.83 17.35
CA GLY B 432 -0.93 37.39 17.16
C GLY B 432 -2.32 36.98 16.74
N ARG B 433 -2.55 35.67 16.63
CA ARG B 433 -3.91 35.17 16.35
C ARG B 433 -4.26 33.81 16.97
N LEU B 434 -5.55 33.46 16.88
CA LEU B 434 -6.07 32.19 17.35
C LEU B 434 -6.49 31.29 16.20
N TYR B 435 -6.69 30.01 16.51
CA TYR B 435 -6.90 28.98 15.50
C TYR B 435 -8.34 28.47 15.57
N THR B 436 -9.03 28.48 14.43
CA THR B 436 -10.46 28.13 14.34
C THR B 436 -10.78 26.65 14.61
N ALA B 437 -9.84 25.78 14.30
CA ALA B 437 -9.94 24.36 14.63
C ALA B 437 -10.01 24.12 16.13
N LYS B 438 -9.39 24.99 16.92
CA LYS B 438 -9.44 24.88 18.39
C LYS B 438 -10.58 25.70 18.99
N ASP B 439 -10.99 26.76 18.29
CA ASP B 439 -11.79 27.82 18.93
C ASP B 439 -13.29 27.86 18.59
N SER B 440 -14.09 28.20 19.60
CA SER B 440 -15.54 28.35 19.45
C SER B 440 -16.13 29.49 20.30
N ARG B 441 -15.29 30.34 20.86
CA ARG B 441 -15.80 31.41 21.72
C ARG B 441 -15.50 32.82 21.22
N THR B 442 -14.72 32.93 20.15
CA THR B 442 -14.20 34.24 19.75
C THR B 442 -15.19 35.03 18.86
N THR B 443 -15.15 36.36 18.95
CA THR B 443 -16.15 37.20 18.24
C THR B 443 -15.78 37.50 16.80
N ALA B 444 -16.76 37.95 16.01
CA ALA B 444 -16.50 38.39 14.64
C ALA B 444 -15.41 39.48 14.57
N GLU B 445 -15.44 40.39 15.55
CA GLU B 445 -14.50 41.51 15.61
C GLU B 445 -13.09 41.07 15.89
N THR B 446 -12.92 40.28 16.93
CA THR B 446 -11.59 39.73 17.23
C THR B 446 -11.03 39.00 16.00
N PHE B 447 -11.87 38.20 15.35
CA PHE B 447 -11.45 37.45 14.17
C PHE B 447 -10.98 38.32 13.02
N HIS B 448 -11.73 39.38 12.73
CA HIS B 448 -11.42 40.30 11.65
C HIS B 448 -10.15 41.01 11.93
N ALA B 449 -9.95 41.45 13.17
CA ALA B 449 -8.72 42.14 13.52
C ALA B 449 -7.49 41.20 13.40
N MET B 450 -7.69 39.92 13.66
CA MET B 450 -6.57 38.95 13.55
C MET B 450 -6.24 38.50 12.12
N TYR B 451 -7.25 38.47 11.27
CA TYR B 451 -7.07 38.08 9.89
C TYR B 451 -7.36 39.28 8.97
N PRO B 452 -6.34 40.13 8.72
CA PRO B 452 -6.62 41.39 7.97
C PRO B 452 -7.09 41.10 6.52
N ARG B 453 -6.85 39.89 6.04
CA ARG B 453 -7.24 39.52 4.67
C ARG B 453 -8.67 38.97 4.56
N VAL B 454 -9.38 38.92 5.69
CA VAL B 454 -10.75 38.36 5.71
C VAL B 454 -11.74 38.96 4.69
N ASP B 455 -11.65 40.27 4.47
CA ASP B 455 -12.57 40.93 3.58
C ASP B 455 -12.26 40.54 2.16
N GLU B 456 -10.98 40.42 1.86
CA GLU B 456 -10.52 39.87 0.58
C GLU B 456 -11.09 38.47 0.35
N TRP B 457 -11.21 37.69 1.43
CA TRP B 457 -11.71 36.31 1.38
C TRP B 457 -13.21 36.24 1.22
N ILE B 458 -13.95 37.06 1.98
CA ILE B 458 -15.41 37.16 1.82
C ILE B 458 -15.80 37.52 0.37
N SER B 459 -14.95 38.34 -0.25
CA SER B 459 -15.19 38.71 -1.62
C SER B 459 -15.15 37.50 -2.53
N VAL B 460 -14.26 36.56 -2.23
CA VAL B 460 -14.12 35.36 -3.06
C VAL B 460 -15.29 34.42 -2.79
N ARG B 461 -15.63 34.27 -1.53
CA ARG B 461 -16.72 33.40 -1.11
C ARG B 461 -18.05 33.81 -1.73
N ARG B 462 -18.38 35.09 -1.64
CA ARG B 462 -19.66 35.56 -2.17
C ARG B 462 -19.75 35.54 -3.71
N LYS B 463 -18.60 35.39 -4.37
CA LYS B 463 -18.55 35.23 -5.81
C LYS B 463 -18.77 33.78 -6.23
N VAL B 464 -18.37 32.84 -5.37
CA VAL B 464 -18.60 31.42 -5.60
C VAL B 464 -19.88 30.91 -4.92
N ASP B 465 -20.36 31.66 -3.92
CA ASP B 465 -21.57 31.26 -3.18
C ASP B 465 -22.49 32.45 -2.84
N PRO B 466 -23.09 33.08 -3.85
CA PRO B 466 -23.94 34.26 -3.60
C PRO B 466 -25.11 33.97 -2.63
N LEU B 467 -25.83 32.89 -2.88
CA LEU B 467 -27.06 32.54 -2.15
C LEU B 467 -26.84 32.07 -0.72
N ARG B 468 -25.59 31.72 -0.39
CA ARG B 468 -25.20 31.28 0.95
C ARG B 468 -25.68 29.84 1.23
N VAL B 469 -25.41 28.97 0.26
CA VAL B 469 -25.79 27.56 0.32
C VAL B 469 -24.93 26.79 1.33
N PHE B 470 -23.68 27.22 1.49
CA PHE B 470 -22.82 26.63 2.49
C PHE B 470 -22.75 27.54 3.70
N ALA B 471 -22.99 26.97 4.87
CA ALA B 471 -23.13 27.71 6.11
C ALA B 471 -22.92 26.77 7.27
N SER B 472 -22.39 27.30 8.37
CA SER B 472 -22.18 26.54 9.60
C SER B 472 -22.33 27.48 10.79
N ASP B 473 -22.23 26.94 12.01
CA ASP B 473 -22.32 27.74 13.23
C ASP B 473 -21.19 28.76 13.27
N MET B 474 -19.99 28.33 12.89
CA MET B 474 -18.84 29.21 12.85
C MET B 474 -19.00 30.38 11.87
N ALA B 475 -19.52 30.08 10.68
CA ALA B 475 -19.72 31.09 9.66
C ALA B 475 -20.67 32.17 10.15
N ARG B 476 -21.72 31.76 10.87
CA ARG B 476 -22.70 32.70 11.40
C ARG B 476 -22.06 33.59 12.46
N ARG B 477 -21.31 32.98 13.37
CA ARG B 477 -20.70 33.69 14.49
C ARG B 477 -19.60 34.66 14.03
N LEU B 478 -18.75 34.24 13.09
CA LEU B 478 -17.63 35.06 12.63
C LEU B 478 -17.98 35.96 11.44
N GLU B 479 -19.24 35.88 11.00
CA GLU B 479 -19.76 36.69 9.89
C GLU B 479 -18.91 36.55 8.63
N LEU B 480 -18.59 35.30 8.31
CA LEU B 480 -17.93 34.94 7.07
C LEU B 480 -19.00 34.62 6.04
N LEU B 481 -20.20 34.35 6.55
CA LEU B 481 -21.37 33.96 5.75
C LEU B 481 -21.55 34.87 4.55
NBE 0SK C . 2.07 -28.06 -7.01
OAE 0SK C . 3.30 -27.95 -6.34
CAX 0SK C . 1.06 -27.11 -6.69
CBB 0SK C . 1.15 -26.39 -5.48
SAV 0SK C . 2.45 -26.69 -4.42
CAJ 0SK C . -0.01 -26.83 -7.55
CAW 0SK C . -0.96 -25.87 -7.19
CBG 0SK C . -2.09 -25.60 -8.13
FAG 0SK C . -2.23 -24.31 -8.31
FAH 0SK C . -3.24 -26.01 -7.61
FAF 0SK C . -1.85 -26.27 -9.24
CAK 0SK C . -0.87 -25.17 -5.99
CBA 0SK C . 0.19 -25.41 -5.12
CAZ 0SK C . 0.25 -24.69 -3.90
OAD 0SK C . -0.64 -23.83 -3.62
NAR 0SK C . 1.21 -24.89 -2.96
CAY 0SK C . 2.26 -25.72 -3.06
NBF 0SK C . 3.16 -25.78 -2.04
CAM 0SK C . 4.27 -26.73 -2.18
CAO 0SK C . 5.32 -26.63 -1.08
CAL 0SK C . 2.89 -24.87 -0.91
CAN 0SK C . 3.97 -24.87 0.14
CBH 0SK C . 4.76 -26.17 0.26
OAT 0SK C . 5.85 -25.91 1.15
OAS 0SK C . 3.95 -27.20 0.83
CAP 0SK C . 4.47 -27.55 2.13
CBD 0SK C . 5.82 -26.86 2.22
CAA 0SK C . 6.07 -26.18 3.56
PA FAD D . 13.73 -17.46 -10.41
O1A FAD D . 13.50 -18.82 -9.83
O2A FAD D . 14.88 -16.64 -9.84
O5B FAD D . 13.73 -17.57 -12.01
C5B FAD D . 12.74 -18.38 -12.69
C4B FAD D . 12.82 -18.13 -14.20
O4B FAD D . 12.39 -16.79 -14.43
C3B FAD D . 14.25 -18.20 -14.75
O3B FAD D . 14.19 -18.71 -16.08
C2B FAD D . 14.67 -16.76 -14.82
O2B FAD D . 15.67 -16.53 -15.82
C1B FAD D . 13.37 -16.05 -15.16
N9A FAD D . 13.42 -14.63 -14.77
C8A FAD D . 13.50 -14.17 -13.50
N7A FAD D . 13.56 -12.81 -13.49
C5A FAD D . 13.51 -12.37 -14.75
C6A FAD D . 13.52 -11.05 -15.44
N6A FAD D . 13.60 -9.91 -14.73
N1A FAD D . 13.44 -11.04 -16.80
C2A FAD D . 13.36 -12.18 -17.52
N3A FAD D . 13.35 -13.41 -16.97
C4A FAD D . 13.41 -13.58 -15.61
N1 FAD D . 4.84 -22.07 -9.46
C2 FAD D . 3.56 -22.11 -9.91
O2 FAD D . 3.33 -21.83 -11.13
N3 FAD D . 2.54 -22.42 -9.07
C4 FAD D . 2.73 -22.73 -7.78
O4 FAD D . 1.81 -23.02 -6.98
C4X FAD D . 4.10 -22.74 -7.22
N5 FAD D . 4.33 -23.02 -5.92
C5X FAD D . 5.63 -22.98 -5.45
C6 FAD D . 5.88 -23.26 -4.13
C7 FAD D . 7.17 -23.24 -3.66
C7M FAD D . 7.47 -23.55 -2.22
C8 FAD D . 8.31 -22.86 -4.57
C8M FAD D . 9.72 -22.86 -4.04
C9 FAD D . 8.06 -22.59 -5.91
C9A FAD D . 6.76 -22.64 -6.38
N10 FAD D . 6.48 -22.33 -7.72
C10 FAD D . 5.16 -22.38 -8.17
C1' FAD D . 7.53 -21.98 -8.70
C2' FAD D . 7.71 -20.47 -8.74
O2' FAD D . 6.45 -19.80 -8.75
C3' FAD D . 8.36 -20.16 -10.05
O3' FAD D . 9.50 -21.01 -10.15
C4' FAD D . 8.77 -18.70 -10.20
O4' FAD D . 9.16 -18.55 -11.56
C5' FAD D . 9.91 -18.32 -9.22
O5' FAD D . 10.13 -16.91 -9.18
P FAD D . 11.60 -16.30 -8.97
O1P FAD D . 11.40 -14.81 -8.96
O2P FAD D . 12.22 -17.00 -7.79
O3P FAD D . 12.36 -16.64 -10.32
N1 IMD E . -2.24 5.98 -12.92
C2 IMD E . -0.91 5.82 -13.11
N3 IMD E . -0.25 6.83 -12.49
C4 IMD E . -1.17 7.64 -11.92
C5 IMD E . -2.42 7.10 -12.19
NBE 0SK F . -0.80 22.43 19.49
OAE 0SK F . -2.11 21.97 19.66
CAX 0SK F . 0.12 21.64 18.78
CBB 0SK F . 0.09 20.25 18.91
SAV 0SK F . -1.00 19.47 19.94
CAJ 0SK F . 1.04 22.24 17.91
CAW 0SK F . 1.94 21.46 17.20
CBG 0SK F . 2.95 22.05 16.27
FAG 0SK F . 2.72 21.63 15.04
FAH 0SK F . 4.16 21.64 16.60
FAF 0SK F . 2.89 23.36 16.31
CAK 0SK F . 1.91 20.08 17.33
CBA 0SK F . 1.01 19.46 18.18
CAZ 0SK F . 1.04 18.07 18.27
OAD 0SK F . 1.89 17.48 17.57
NAR 0SK F . 0.23 17.31 19.05
CAY 0SK F . -0.75 17.79 19.86
NBF 0SK F . -1.51 16.93 20.62
CAM 0SK F . -2.57 17.50 21.48
CAO 0SK F . -2.62 16.77 22.82
CAL 0SK F . -1.27 15.48 20.52
CAN 0SK F . -2.41 14.75 21.24
CBH 0SK F . -2.56 15.23 22.68
OAT 0SK F . -3.75 14.66 23.24
OAS 0SK F . -1.44 14.78 23.44
CAP 0SK F . -1.89 13.84 24.42
CBD 0SK F . -3.41 13.84 24.37
CAA 0SK F . -3.99 12.43 24.26
PA FAD G . -13.78 18.20 10.87
O1A FAD G . -13.32 18.53 12.26
O2A FAD G . -14.85 17.17 10.64
O5B FAD G . -14.15 19.51 10.04
C5B FAD G . -13.21 20.58 10.14
C4B FAD G . -13.49 21.61 9.06
O4B FAD G . -13.13 21.03 7.80
C3B FAD G . -14.96 22.00 8.96
O3B FAD G . -14.95 23.40 8.71
C2B FAD G . -15.41 21.29 7.70
O2B FAD G . -16.52 21.97 7.08
C1B FAD G . -14.16 21.29 6.86
N9A FAD G . -14.19 20.17 5.91
C8A FAD G . -13.98 18.88 6.25
N7A FAD G . -14.12 18.08 5.18
C5A FAD G . -14.39 18.84 4.12
C6A FAD G . -14.64 18.63 2.68
N6A FAD G . -14.60 17.40 2.14
N1A FAD G . -14.91 19.70 1.92
C2A FAD G . -14.95 20.95 2.43
N3A FAD G . -14.72 21.21 3.73
C4A FAD G . -14.45 20.23 4.61
N1 FAD G . -4.37 20.72 13.83
C2 FAD G . -3.18 21.18 13.39
O2 FAD G . -3.17 22.03 12.46
N3 FAD G . -2.02 20.73 13.91
C4 FAD G . -1.97 19.81 14.88
O4 FAD G . -0.86 19.42 15.33
C4X FAD G . -3.24 19.28 15.43
N5 FAD G . -3.30 18.35 16.43
C5X FAD G . -4.50 17.88 16.88
C6 FAD G . -4.54 16.92 17.90
C7 FAD G . -5.76 16.42 18.37
C7M FAD G . -5.76 15.39 19.47
C8 FAD G . -7.04 16.94 17.78
C8M FAD G . -8.38 16.43 18.29
C9 FAD G . -7.01 17.89 16.76
C9A FAD G . -5.79 18.39 16.28
N10 FAD G . -5.74 19.36 15.25
C10 FAD G . -4.47 19.81 14.81
C1' FAD G . -6.94 19.91 14.61
C2' FAD G . -7.29 19.02 13.38
O2' FAD G . -6.09 18.68 12.66
C3' FAD G . -8.18 19.78 12.39
O3' FAD G . -9.28 20.37 13.09
C4' FAD G . -8.69 18.95 11.22
O4' FAD G . -9.37 19.85 10.36
C5' FAD G . -9.74 17.93 11.63
O5' FAD G . -10.12 17.24 10.44
P FAD G . -11.54 16.52 10.33
O1P FAD G . -11.54 15.59 9.14
O2P FAD G . -11.98 15.98 11.67
O3P FAD G . -12.49 17.78 9.99
#